data_8ZIJ
#
_entry.id   8ZIJ
#
_cell.length_a   85.432
_cell.length_b   102.527
_cell.length_c   128.124
_cell.angle_alpha   90.000
_cell.angle_beta   90.000
_cell.angle_gamma   90.000
#
_symmetry.space_group_name_H-M   'P 21 21 21'
#
loop_
_entity.id
_entity.type
_entity.pdbx_description
1 polymer 'PLP dependent gamma-lyase CndF'
2 non-polymer 'PHOSPHATE ION'
3 non-polymer 'CHLORIDE ION'
4 water water
#
_entity_poly.entity_id   1
_entity_poly.type   'polypeptide(L)'
_entity_poly.pdbx_seq_one_letter_code
;GSMRDPNFQNIDKVALLGAQPLGSSHPPGDPHAVSFSLPTWASVAGNMAGEAWVRGKKKTTYPRMGFCPIVGGLTEAALI
RVKRPTGVKARIFISREAASRLEHTVKVKDPAAKVSVVQFELRQSNSPDLSNWARFVLVLFPESFEEDAFTFWLNHGDGI
SNRHAEFCNNLLDFMDSRCDEDEPDYQTCGPRSGDKPAGLPTWTNSGLEEKMVIKSVLAKCIRSENADMLPVQSDDVFLY
STGMMAIGKIARAMKDMPGDDTAVIFGWLYSGTLPLVKDSGYSKPILYGRGTEEELDKLESYLAAGGKCTVLFTEITSNP
QLHSPNLVRIKNLADEYGFTVVVDDTIGTSVNLDILPYADVVTTSLT(LLP)IFNGACNAMGGSLIVNPNSRHYRRIHTY
LQGHFEDLLFPADAVVLSENCIDYPERVKRCSATARAIAHFLAAHPSIDYVNYPTLVPSREEYERYRRDGEGYGYLLSIV
FREPDFAVRFFDALDIWKGPSIGTNSSIALPYSVLAHWEEQDWAAEYGVPKHIVRLSVGLESEAWLRDRVTEALAKATPA
TLCRTTFCKSER
;
_entity_poly.pdbx_strand_id   B,A
#
# COMPACT_ATOMS: atom_id res chain seq x y z
N GLY A 66 8.97 -0.06 -12.37
CA GLY A 66 8.12 0.39 -11.28
C GLY A 66 7.41 1.69 -11.59
N PHE A 67 6.21 1.59 -12.15
CA PHE A 67 5.43 2.75 -12.54
C PHE A 67 4.67 3.33 -11.37
N CYS A 68 4.50 4.64 -11.39
CA CYS A 68 3.79 5.34 -10.33
C CYS A 68 2.29 5.26 -10.55
N PRO A 69 1.49 5.23 -9.46
CA PRO A 69 1.85 5.38 -8.05
C PRO A 69 2.68 4.23 -7.48
N ILE A 70 3.50 4.56 -6.49
CA ILE A 70 4.36 3.60 -5.80
C ILE A 70 3.84 3.47 -4.37
N VAL A 71 3.67 2.24 -3.92
CA VAL A 71 3.36 1.98 -2.51
C VAL A 71 4.63 1.52 -1.82
N GLY A 72 4.70 1.78 -0.52
CA GLY A 72 5.98 1.62 0.14
C GLY A 72 6.93 2.71 -0.32
N GLY A 73 8.23 2.41 -0.27
CA GLY A 73 9.23 3.31 -0.76
C GLY A 73 9.75 4.31 0.25
N LEU A 74 9.17 4.36 1.44
CA LEU A 74 9.68 5.27 2.47
C LEU A 74 11.13 4.94 2.82
N THR A 75 11.44 3.65 2.95
CA THR A 75 12.81 3.25 3.25
C THR A 75 13.74 3.59 2.11
N GLU A 76 13.31 3.34 0.87
CA GLU A 76 14.14 3.68 -0.29
C GLU A 76 14.34 5.19 -0.39
N ALA A 77 13.31 5.96 -0.05
CA ALA A 77 13.42 7.41 -0.13
C ALA A 77 14.33 7.95 0.96
N ALA A 78 14.29 7.36 2.16
CA ALA A 78 15.19 7.80 3.22
C ALA A 78 16.63 7.42 2.91
N LEU A 79 16.85 6.24 2.33
CA LEU A 79 18.19 5.84 1.95
C LEU A 79 18.78 6.78 0.91
N ILE A 80 17.98 7.19 -0.08
CA ILE A 80 18.47 8.11 -1.10
C ILE A 80 18.80 9.46 -0.47
N ARG A 81 17.97 9.91 0.48
CA ARG A 81 18.24 11.18 1.15
C ARG A 81 19.62 11.18 1.81
N VAL A 82 20.03 10.05 2.38
CA VAL A 82 21.28 9.96 3.12
C VAL A 82 22.40 9.36 2.28
N LYS A 83 22.21 9.25 0.97
CA LYS A 83 23.25 8.76 0.04
C LYS A 83 23.73 7.36 0.41
N ARG A 84 22.83 6.52 0.91
CA ARG A 84 23.14 5.11 1.19
C ARG A 84 22.15 4.19 0.49
N PRO A 85 22.05 4.27 -0.85
CA PRO A 85 21.06 3.45 -1.55
C PRO A 85 21.52 2.02 -1.81
N THR A 86 22.74 1.66 -1.41
CA THR A 86 23.29 0.34 -1.64
C THR A 86 24.32 0.04 -0.55
N GLY A 87 24.39 -1.23 -0.15
CA GLY A 87 25.42 -1.69 0.75
C GLY A 87 25.07 -1.67 2.22
N VAL A 88 23.89 -1.18 2.59
CA VAL A 88 23.47 -1.12 3.99
C VAL A 88 22.02 -1.59 4.08
N LYS A 89 21.70 -2.27 5.17
CA LYS A 89 20.31 -2.57 5.52
C LYS A 89 19.72 -1.42 6.32
N ALA A 90 18.39 -1.37 6.35
CA ALA A 90 17.69 -0.28 7.01
C ALA A 90 16.47 -0.80 7.76
N ARG A 91 16.15 -0.13 8.87
CA ARG A 91 14.92 -0.34 9.61
C ARG A 91 14.42 1.02 10.06
N ILE A 92 13.09 1.14 10.18
CA ILE A 92 12.46 2.41 10.54
C ILE A 92 11.58 2.19 11.77
N PHE A 93 11.93 2.86 12.86
CA PHE A 93 11.14 2.88 14.08
C PHE A 93 10.68 4.31 14.36
N ILE A 94 9.71 4.43 15.27
CA ILE A 94 9.22 5.72 15.71
C ILE A 94 9.80 6.14 17.06
N SER A 95 10.63 5.31 17.66
CA SER A 95 11.22 5.58 18.97
C SER A 95 12.73 5.41 18.92
N ARG A 96 13.44 6.25 19.65
CA ARG A 96 14.86 6.16 19.72
C ARG A 96 15.29 4.99 20.55
N GLU A 97 14.43 4.56 21.45
CA GLU A 97 14.79 3.44 22.31
C GLU A 97 14.86 2.14 21.52
N ALA A 98 13.86 1.89 20.67
CA ALA A 98 13.88 0.70 19.82
C ALA A 98 15.08 0.73 18.88
N ALA A 99 15.38 1.90 18.32
CA ALA A 99 16.57 2.06 17.49
C ALA A 99 17.82 1.63 18.26
N SER A 100 17.91 1.99 19.54
CA SER A 100 19.08 1.61 20.33
C SER A 100 19.11 0.11 20.59
N ARG A 101 17.94 -0.50 20.82
CA ARG A 101 17.91 -1.93 21.09
C ARG A 101 18.31 -2.74 19.87
N LEU A 102 18.10 -2.20 18.67
CA LEU A 102 18.60 -2.86 17.47
C LEU A 102 20.09 -2.59 17.29
N GLU A 103 20.53 -1.35 17.58
CA GLU A 103 21.95 -1.03 17.49
C GLU A 103 22.78 -1.90 18.42
N HIS A 104 22.26 -2.18 19.62
CA HIS A 104 23.03 -2.96 20.58
C HIS A 104 23.13 -4.42 20.17
N THR A 105 22.07 -4.98 19.60
CA THR A 105 22.10 -6.38 19.19
C THR A 105 23.09 -6.59 18.04
N VAL A 106 23.19 -5.62 17.14
CA VAL A 106 24.19 -5.70 16.09
C VAL A 106 25.59 -5.51 16.67
N LYS A 107 25.74 -4.61 17.64
CA LYS A 107 27.06 -4.31 18.18
C LYS A 107 27.60 -5.43 19.05
N VAL A 108 26.76 -6.32 19.55
CA VAL A 108 27.28 -7.46 20.30
C VAL A 108 27.55 -8.65 19.39
N LYS A 109 26.70 -8.87 18.38
CA LYS A 109 26.98 -9.88 17.36
C LYS A 109 28.22 -9.52 16.53
N ASP A 110 28.49 -8.22 16.32
CA ASP A 110 29.65 -7.77 15.55
C ASP A 110 30.03 -6.35 15.97
N PRO A 111 31.01 -6.20 16.87
CA PRO A 111 31.34 -4.86 17.37
C PRO A 111 31.91 -3.93 16.31
N ALA A 112 32.49 -4.46 15.22
CA ALA A 112 33.11 -3.61 14.22
C ALA A 112 32.14 -3.17 13.13
N ALA A 113 30.87 -3.57 13.22
CA ALA A 113 29.89 -3.17 12.23
C ALA A 113 29.48 -1.73 12.48
N LYS A 114 29.44 -0.93 11.42
CA LYS A 114 28.97 0.44 11.51
C LYS A 114 27.45 0.45 11.65
N VAL A 115 26.93 1.13 12.68
CA VAL A 115 25.50 1.27 12.90
C VAL A 115 25.20 2.72 13.23
N SER A 116 24.41 3.37 12.39
CA SER A 116 24.02 4.77 12.57
C SER A 116 22.53 4.88 12.84
N VAL A 117 22.15 5.95 13.54
CA VAL A 117 20.76 6.22 13.89
C VAL A 117 20.43 7.64 13.44
N VAL A 118 19.56 7.76 12.43
CA VAL A 118 19.23 9.04 11.80
C VAL A 118 17.79 9.37 12.12
N GLN A 119 17.56 10.55 12.69
CA GLN A 119 16.23 11.02 13.06
C GLN A 119 15.68 11.92 11.96
N PHE A 120 14.54 11.53 11.38
CA PHE A 120 13.81 12.35 10.43
C PHE A 120 12.64 13.02 11.15
N GLU A 121 12.38 14.28 10.82
CA GLU A 121 11.29 14.99 11.49
C GLU A 121 10.85 16.20 10.68
N LEU A 122 9.55 16.46 10.69
CA LEU A 122 8.97 17.72 10.22
C LEU A 122 8.98 18.65 11.42
N ARG A 123 9.97 19.55 11.48
CA ARG A 123 10.25 20.26 12.73
C ARG A 123 9.13 21.22 13.11
N GLN A 124 8.88 22.21 12.27
CA GLN A 124 7.87 23.23 12.54
C GLN A 124 6.70 23.11 11.58
N SER A 125 5.50 23.36 12.09
CA SER A 125 4.28 23.26 11.30
C SER A 125 3.17 24.02 12.02
N ASN A 126 2.28 24.63 11.22
CA ASN A 126 1.10 25.24 11.80
C ASN A 126 0.06 24.19 12.19
N SER A 127 0.27 22.94 11.80
CA SER A 127 -0.58 21.81 12.20
C SER A 127 0.18 20.97 13.20
N PRO A 128 -0.23 20.90 14.47
CA PRO A 128 0.47 20.01 15.41
C PRO A 128 0.31 18.54 15.05
N ASP A 129 -0.76 18.19 14.33
CA ASP A 129 -0.91 16.85 13.80
C ASP A 129 0.29 16.46 12.94
N LEU A 130 0.65 17.31 11.97
CA LEU A 130 1.75 17.02 11.07
C LEU A 130 3.08 16.91 11.82
N SER A 131 3.41 17.92 12.64
CA SER A 131 4.70 17.94 13.31
C SER A 131 4.86 16.77 14.29
N ASN A 132 3.76 16.34 14.92
CA ASN A 132 3.87 15.29 15.92
C ASN A 132 4.08 13.92 15.29
N TRP A 133 3.54 13.68 14.10
CA TRP A 133 3.54 12.34 13.53
C TRP A 133 4.45 12.18 12.32
N ALA A 134 4.79 13.26 11.62
CA ALA A 134 5.71 13.19 10.49
C ALA A 134 7.15 13.21 11.01
N ARG A 135 7.49 12.14 11.73
CA ARG A 135 8.84 11.92 12.24
C ARG A 135 9.06 10.42 12.37
N PHE A 136 10.31 10.01 12.16
CA PHE A 136 10.65 8.60 12.30
C PHE A 136 12.16 8.47 12.46
N VAL A 137 12.59 7.28 12.90
CA VAL A 137 13.99 7.00 13.18
C VAL A 137 14.45 5.93 12.19
N LEU A 138 15.50 6.25 11.44
CA LEU A 138 16.09 5.34 10.47
C LEU A 138 17.36 4.73 11.05
N VAL A 139 17.47 3.41 10.96
CA VAL A 139 18.61 2.66 11.52
C VAL A 139 19.34 1.98 10.37
N LEU A 140 20.61 2.31 10.20
CA LEU A 140 21.46 1.74 9.15
C LEU A 140 22.48 0.77 9.73
N PHE A 141 22.65 -0.37 9.08
CA PHE A 141 23.59 -1.39 9.53
C PHE A 141 23.98 -2.24 8.32
N PRO A 142 25.14 -2.91 8.38
CA PRO A 142 25.66 -3.61 7.18
C PRO A 142 24.76 -4.75 6.74
N GLU A 143 24.86 -5.07 5.45
CA GLU A 143 24.10 -6.19 4.88
C GLU A 143 24.55 -7.55 5.41
N SER A 144 25.75 -7.63 5.99
CA SER A 144 26.23 -8.90 6.53
C SER A 144 25.38 -9.39 7.70
N PHE A 145 24.74 -8.48 8.42
CA PHE A 145 23.98 -8.86 9.61
C PHE A 145 22.70 -9.59 9.21
N GLU A 146 22.60 -10.85 9.61
CA GLU A 146 21.39 -11.64 9.43
C GLU A 146 20.50 -11.48 10.65
N GLU A 147 19.21 -11.23 10.42
CA GLU A 147 18.29 -10.97 11.51
C GLU A 147 17.98 -12.27 12.24
N ASP A 148 18.12 -12.26 13.56
CA ASP A 148 17.82 -13.44 14.37
C ASP A 148 16.39 -13.33 14.88
N ALA A 149 16.03 -14.25 15.79
CA ALA A 149 14.65 -14.29 16.28
C ALA A 149 14.28 -13.00 17.01
N PHE A 150 15.20 -12.45 17.81
CA PHE A 150 14.87 -11.27 18.59
C PHE A 150 14.69 -10.04 17.70
N THR A 151 15.70 -9.73 16.87
CA THR A 151 15.64 -8.54 16.03
C THR A 151 14.43 -8.58 15.10
N PHE A 152 13.96 -9.78 14.75
CA PHE A 152 12.74 -9.91 13.98
C PHE A 152 11.55 -9.39 14.77
N TRP A 153 11.39 -9.86 16.01
CA TRP A 153 10.25 -9.47 16.82
C TRP A 153 10.37 -8.05 17.36
N LEU A 154 11.59 -7.54 17.50
CA LEU A 154 11.77 -6.15 17.91
C LEU A 154 11.26 -5.20 16.83
N ASN A 155 11.52 -5.52 15.56
CA ASN A 155 11.01 -4.70 14.47
C ASN A 155 9.51 -4.91 14.27
N HIS A 156 9.04 -6.14 14.45
CA HIS A 156 7.61 -6.42 14.33
C HIS A 156 6.80 -5.56 15.29
N GLY A 157 7.26 -5.44 16.54
CA GLY A 157 6.52 -4.67 17.51
C GLY A 157 6.75 -3.17 17.45
N ASP A 158 7.93 -2.76 17.00
CA ASP A 158 8.32 -1.35 16.99
C ASP A 158 8.44 -0.76 15.60
N GLY A 159 8.27 -1.56 14.55
CA GLY A 159 8.30 -1.03 13.21
C GLY A 159 7.18 -0.03 12.96
N ILE A 160 7.48 0.96 12.12
CA ILE A 160 6.48 1.93 11.71
C ILE A 160 5.33 1.22 11.01
N SER A 161 4.10 1.62 11.33
CA SER A 161 2.95 1.01 10.69
C SER A 161 2.91 1.37 9.21
N ASN A 162 2.19 0.56 8.44
CA ASN A 162 2.06 0.80 7.01
C ASN A 162 1.47 2.17 6.72
N ARG A 163 0.34 2.49 7.36
CA ARG A 163 -0.28 3.80 7.16
C ARG A 163 0.65 4.91 7.63
N HIS A 164 1.33 4.71 8.76
CA HIS A 164 2.30 5.68 9.24
C HIS A 164 3.44 5.86 8.26
N ALA A 165 3.89 4.77 7.63
CA ALA A 165 4.95 4.86 6.63
C ALA A 165 4.52 5.66 5.42
N GLU A 166 3.29 5.44 4.95
CA GLU A 166 2.81 6.17 3.78
C GLU A 166 2.60 7.65 4.11
N PHE A 167 2.15 7.94 5.32
CA PHE A 167 2.01 9.33 5.75
C PHE A 167 3.34 10.05 5.75
N CYS A 168 4.39 9.40 6.26
CA CYS A 168 5.71 10.02 6.28
C CYS A 168 6.27 10.21 4.88
N ASN A 169 6.10 9.22 4.00
CA ASN A 169 6.68 9.32 2.67
C ASN A 169 6.08 10.49 1.88
N ASN A 170 4.78 10.76 2.07
CA ASN A 170 4.15 11.88 1.41
C ASN A 170 4.68 13.22 1.93
N LEU A 171 5.20 13.26 3.15
CA LEU A 171 5.70 14.49 3.75
C LEU A 171 7.22 14.54 3.83
N LEU A 172 7.93 13.55 3.30
CA LEU A 172 9.37 13.44 3.50
C LEU A 172 10.11 14.68 2.98
N ASP A 173 9.61 15.32 1.93
CA ASP A 173 10.27 16.51 1.42
C ASP A 173 10.23 17.67 2.41
N PHE A 174 9.26 17.66 3.32
CA PHE A 174 9.15 18.69 4.34
C PHE A 174 9.92 18.34 5.60
N MET A 175 10.64 17.23 5.61
CA MET A 175 11.32 16.72 6.79
C MET A 175 12.83 16.88 6.65
N ASP A 176 13.48 17.07 7.79
CA ASP A 176 14.92 17.14 7.88
C ASP A 176 15.45 15.93 8.63
N SER A 177 16.74 15.67 8.49
CA SER A 177 17.37 14.52 9.11
C SER A 177 18.57 14.98 9.93
N ARG A 178 18.66 14.51 11.16
CA ARG A 178 19.80 14.79 12.03
C ARG A 178 20.35 13.48 12.60
N CYS A 179 21.64 13.49 12.88
CA CYS A 179 22.30 12.34 13.50
C CYS A 179 23.23 12.85 14.59
N ASP A 180 23.33 12.09 15.69
CA ASP A 180 24.18 12.50 16.80
C ASP A 180 25.66 12.41 16.41
N GLU A 181 26.05 11.31 15.79
CA GLU A 181 27.40 11.19 15.26
C GLU A 181 27.66 12.25 14.18
N ASP A 182 28.93 12.52 13.92
CA ASP A 182 29.34 13.55 12.96
C ASP A 182 29.48 12.90 11.58
N GLU A 183 28.33 12.63 10.97
CA GLU A 183 28.27 12.18 9.58
C GLU A 183 27.48 13.19 8.78
N PRO A 184 28.13 13.99 7.92
CA PRO A 184 27.40 15.04 7.21
C PRO A 184 26.37 14.52 6.23
N ASP A 185 26.55 13.31 5.69
CA ASP A 185 25.56 12.73 4.80
C ASP A 185 24.22 12.50 5.48
N TYR A 186 24.21 12.42 6.81
CA TYR A 186 22.98 12.18 7.57
C TYR A 186 22.35 13.46 8.09
N GLN A 187 22.93 14.61 7.77
CA GLN A 187 22.40 15.92 8.17
C GLN A 187 21.85 16.58 6.90
N THR A 188 20.55 16.39 6.66
CA THR A 188 19.93 16.85 5.43
C THR A 188 18.77 17.79 5.73
N CYS A 189 18.55 18.73 4.82
CA CYS A 189 17.40 19.62 4.85
C CYS A 189 16.43 19.18 3.76
N GLY A 190 15.15 19.07 4.11
CA GLY A 190 14.15 18.66 3.14
C GLY A 190 14.02 19.67 2.02
N PRO A 191 13.78 19.17 0.80
CA PRO A 191 13.62 20.09 -0.35
C PRO A 191 12.52 21.11 -0.16
N ARG A 192 11.46 20.76 0.57
CA ARG A 192 10.34 21.66 0.82
C ARG A 192 10.23 22.04 2.30
N SER A 193 11.32 21.88 3.05
CA SER A 193 11.32 22.19 4.46
C SER A 193 10.89 23.64 4.69
N GLY A 194 9.93 23.83 5.59
CA GLY A 194 9.37 25.13 5.88
C GLY A 194 8.09 25.45 5.13
N ASP A 195 7.91 24.86 3.95
CA ASP A 195 6.71 25.11 3.16
C ASP A 195 5.51 24.36 3.73
N LYS A 196 4.31 24.78 3.29
CA LYS A 196 3.17 24.06 3.81
C LYS A 196 2.76 22.94 2.86
N PRO A 197 2.43 21.76 3.41
CA PRO A 197 1.99 20.65 2.56
C PRO A 197 0.68 20.97 1.86
N ALA A 198 0.50 20.37 0.69
CA ALA A 198 -0.70 20.58 -0.11
C ALA A 198 -1.98 20.33 0.68
N GLY A 199 -2.16 19.10 1.13
CA GLY A 199 -3.35 18.73 1.90
C GLY A 199 -3.01 18.06 3.21
N LEU A 200 -3.87 18.25 4.21
CA LEU A 200 -3.75 17.65 5.54
C LEU A 200 -4.45 16.30 5.64
N PRO A 201 -4.17 15.53 6.70
CA PRO A 201 -4.80 14.22 6.94
C PRO A 201 -6.28 14.35 7.26
N THR A 202 -7.05 13.31 6.97
CA THR A 202 -8.48 13.32 7.23
C THR A 202 -8.77 13.31 8.73
N TRP A 203 -7.89 12.67 9.49
CA TRP A 203 -8.04 12.60 10.94
C TRP A 203 -7.57 13.90 11.58
N THR A 204 -8.08 14.15 12.80
CA THR A 204 -7.80 15.37 13.52
C THR A 204 -7.46 15.05 14.97
N ASN A 205 -6.69 15.95 15.59
CA ASN A 205 -6.37 15.88 17.01
C ASN A 205 -5.77 14.52 17.39
N SER A 206 -4.80 14.09 16.58
CA SER A 206 -4.07 12.84 16.80
C SER A 206 -4.99 11.63 16.91
N GLY A 207 -6.20 11.70 16.36
CA GLY A 207 -7.14 10.62 16.49
C GLY A 207 -7.59 10.37 17.92
N LEU A 208 -7.62 11.40 18.76
CA LEU A 208 -8.00 11.22 20.16
C LEU A 208 -9.45 10.76 20.28
N GLU A 209 -10.33 11.26 19.41
CA GLU A 209 -11.71 10.81 19.42
C GLU A 209 -11.82 9.31 19.13
N GLU A 210 -11.13 8.85 18.08
CA GLU A 210 -11.18 7.44 17.75
C GLU A 210 -10.45 6.58 18.77
N LYS A 211 -9.36 7.10 19.35
CA LYS A 211 -8.66 6.35 20.39
C LYS A 211 -9.54 6.14 21.61
N MET A 212 -10.39 7.12 21.94
CA MET A 212 -11.28 6.98 23.07
C MET A 212 -12.33 5.90 22.82
N VAL A 213 -12.81 5.78 21.58
CA VAL A 213 -13.72 4.70 21.22
C VAL A 213 -13.04 3.36 21.45
N ILE A 214 -11.80 3.22 21.00
CA ILE A 214 -11.06 1.97 21.17
C ILE A 214 -10.96 1.60 22.65
N LYS A 215 -10.51 2.55 23.48
CA LYS A 215 -10.39 2.30 24.91
C LYS A 215 -11.74 1.97 25.53
N SER A 216 -12.80 2.64 25.06
CA SER A 216 -14.13 2.41 25.61
C SER A 216 -14.62 1.00 25.32
N VAL A 217 -14.46 0.54 24.07
CA VAL A 217 -14.90 -0.80 23.70
C VAL A 217 -14.11 -1.85 24.47
N LEU A 218 -12.79 -1.66 24.59
CA LEU A 218 -11.97 -2.61 25.34
C LEU A 218 -12.41 -2.67 26.80
N ALA A 219 -12.70 -1.52 27.41
CA ALA A 219 -13.14 -1.49 28.80
C ALA A 219 -14.50 -2.16 28.97
N LYS A 220 -15.44 -1.89 28.05
CA LYS A 220 -16.76 -2.49 28.16
C LYS A 220 -16.70 -4.01 28.04
N CYS A 221 -15.92 -4.51 27.09
CA CYS A 221 -15.88 -5.94 26.85
C CYS A 221 -15.13 -6.77 27.91
N ILE A 222 -14.35 -6.13 28.73
CA ILE A 222 -13.57 -6.87 29.68
C ILE A 222 -14.19 -6.94 31.06
N ARG A 223 -15.42 -6.50 31.16
CA ARG A 223 -16.13 -6.54 32.44
C ARG A 223 -16.31 -7.99 32.89
N SER A 224 -16.06 -8.26 34.16
CA SER A 224 -16.18 -9.59 34.71
C SER A 224 -17.64 -9.93 34.85
N GLU A 225 -18.00 -11.21 34.82
CA GLU A 225 -19.45 -11.47 34.85
C GLU A 225 -20.06 -11.27 36.23
N ASN A 226 -19.24 -11.08 37.28
CA ASN A 226 -19.72 -10.81 38.62
C ASN A 226 -19.51 -9.33 38.96
N ALA A 227 -20.54 -8.72 39.56
CA ALA A 227 -20.62 -7.27 39.66
C ALA A 227 -19.96 -6.72 40.93
N ASP A 228 -19.24 -7.54 41.68
CA ASP A 228 -18.49 -7.04 42.83
C ASP A 228 -17.11 -6.53 42.43
N MET A 229 -16.63 -6.86 41.23
CA MET A 229 -15.33 -6.40 40.75
C MET A 229 -15.48 -4.99 40.20
N LEU A 230 -14.50 -4.14 40.51
CA LEU A 230 -14.49 -2.81 39.91
C LEU A 230 -14.36 -2.93 38.40
N PRO A 231 -15.07 -2.11 37.63
CA PRO A 231 -14.96 -2.19 36.18
C PRO A 231 -13.73 -1.50 35.66
N VAL A 232 -13.18 -2.04 34.58
CA VAL A 232 -12.11 -1.36 33.88
C VAL A 232 -12.68 -0.11 33.22
N GLN A 233 -11.99 1.01 33.36
CA GLN A 233 -12.42 2.27 32.77
C GLN A 233 -11.57 2.59 31.55
N SER A 234 -12.03 3.60 30.81
CA SER A 234 -11.28 4.07 29.63
C SER A 234 -9.84 4.40 30.00
N ASP A 235 -9.62 5.01 31.16
CA ASP A 235 -8.30 5.47 31.56
C ASP A 235 -7.42 4.37 32.12
N ASP A 236 -7.96 3.16 32.33
CA ASP A 236 -7.13 2.01 32.67
C ASP A 236 -6.63 1.26 31.45
N VAL A 237 -6.99 1.70 30.25
CA VAL A 237 -6.60 1.05 29.00
C VAL A 237 -5.54 1.92 28.32
N PHE A 238 -4.42 1.30 27.96
CA PHE A 238 -3.33 1.98 27.27
C PHE A 238 -3.18 1.41 25.87
N LEU A 239 -3.10 2.30 24.88
CA LEU A 239 -3.01 1.92 23.47
C LEU A 239 -1.59 2.08 22.96
N TYR A 240 -1.13 1.10 22.20
CA TYR A 240 0.21 1.12 21.61
C TYR A 240 0.13 0.70 20.14
N SER A 241 1.29 0.64 19.50
CA SER A 241 1.34 0.40 18.06
C SER A 241 1.03 -1.04 17.71
N THR A 242 1.48 -1.98 18.53
CA THR A 242 1.27 -3.40 18.29
C THR A 242 0.98 -4.09 19.61
N GLY A 243 0.52 -5.35 19.53
CA GLY A 243 0.44 -6.17 20.73
C GLY A 243 1.81 -6.43 21.32
N MET A 244 2.83 -6.57 20.46
CA MET A 244 4.19 -6.81 20.94
C MET A 244 4.71 -5.62 21.74
N MET A 245 4.47 -4.40 21.26
CA MET A 245 4.93 -3.22 21.99
C MET A 245 4.24 -3.11 23.36
N ALA A 246 2.95 -3.43 23.41
CA ALA A 246 2.24 -3.43 24.70
C ALA A 246 2.84 -4.42 25.66
N ILE A 247 3.32 -5.56 25.15
CA ILE A 247 3.98 -6.55 26.00
C ILE A 247 5.31 -6.00 26.50
N GLY A 248 6.03 -5.28 25.65
CA GLY A 248 7.29 -4.68 26.06
C GLY A 248 7.11 -3.65 27.17
N LYS A 249 6.07 -2.82 27.04
CA LYS A 249 5.87 -1.75 28.00
C LYS A 249 5.55 -2.29 29.40
N ILE A 250 4.78 -3.37 29.49
CA ILE A 250 4.49 -3.96 30.79
C ILE A 250 5.70 -4.72 31.33
N ALA A 251 6.54 -5.26 30.44
CA ALA A 251 7.70 -6.02 30.90
C ALA A 251 8.75 -5.10 31.53
N ARG A 252 9.05 -3.97 30.88
CA ARG A 252 10.00 -3.04 31.46
C ARG A 252 9.44 -2.38 32.72
N ALA A 253 8.13 -2.12 32.74
CA ALA A 253 7.51 -1.50 33.90
C ALA A 253 7.71 -2.36 35.16
N MET A 254 7.55 -3.67 35.02
CA MET A 254 7.75 -4.57 36.16
C MET A 254 9.21 -4.59 36.61
N LYS A 255 10.16 -4.45 35.67
CA LYS A 255 11.58 -4.57 36.00
C LYS A 255 12.05 -3.50 36.98
N ASP A 256 11.30 -2.41 37.13
CA ASP A 256 11.61 -1.37 38.11
C ASP A 256 10.77 -1.63 39.36
N MET A 257 11.40 -2.22 40.37
CA MET A 257 10.71 -2.60 41.61
C MET A 257 11.70 -3.00 42.69
N ASP A 260 14.18 -7.48 42.10
CA ASP A 260 13.17 -7.99 41.17
C ASP A 260 13.82 -8.36 39.84
N ASP A 261 14.12 -9.65 39.65
CA ASP A 261 14.82 -10.09 38.45
C ASP A 261 14.18 -11.24 37.69
N THR A 262 13.27 -12.00 38.27
CA THR A 262 12.84 -13.25 37.66
C THR A 262 11.48 -13.06 36.98
N ALA A 263 11.42 -13.47 35.71
CA ALA A 263 10.20 -13.45 34.92
C ALA A 263 9.86 -14.86 34.51
N VAL A 264 8.57 -15.20 34.52
CA VAL A 264 8.13 -16.54 34.14
C VAL A 264 7.27 -16.40 32.90
N ILE A 265 7.61 -17.17 31.87
CA ILE A 265 6.82 -17.26 30.65
C ILE A 265 6.16 -18.63 30.66
N PHE A 266 4.83 -18.64 30.75
CA PHE A 266 4.06 -19.85 31.03
C PHE A 266 3.20 -20.20 29.81
N GLY A 267 3.69 -21.16 29.02
CA GLY A 267 2.97 -21.66 27.87
C GLY A 267 2.55 -20.60 26.86
N TRP A 268 3.53 -19.83 26.37
CA TRP A 268 3.28 -18.78 25.38
C TRP A 268 4.34 -18.95 24.29
N LEU A 269 4.08 -19.88 23.39
CA LEU A 269 5.03 -20.21 22.33
C LEU A 269 4.76 -19.40 21.06
N TYR A 270 5.73 -19.45 20.15
CA TYR A 270 5.61 -18.91 18.80
C TYR A 270 5.22 -17.44 18.80
N SER A 271 6.03 -16.64 19.49
CA SER A 271 5.71 -15.23 19.69
C SER A 271 6.99 -14.51 20.08
N GLY A 272 6.89 -13.19 20.16
CA GLY A 272 7.97 -12.30 20.49
C GLY A 272 8.09 -11.99 21.96
N THR A 273 7.30 -12.65 22.80
CA THR A 273 7.31 -12.37 24.23
C THR A 273 8.65 -12.75 24.85
N LEU A 274 9.10 -13.99 24.62
CA LEU A 274 10.37 -14.43 25.19
C LEU A 274 11.53 -13.52 24.76
N PRO A 275 11.72 -13.18 23.48
CA PRO A 275 12.78 -12.21 23.15
C PRO A 275 12.62 -10.89 23.86
N LEU A 276 11.39 -10.38 23.97
CA LEU A 276 11.18 -9.07 24.58
C LEU A 276 11.36 -9.14 26.10
N VAL A 277 10.91 -10.23 26.72
CA VAL A 277 11.11 -10.37 28.16
C VAL A 277 12.59 -10.49 28.49
N LYS A 278 13.32 -11.30 27.71
CA LYS A 278 14.76 -11.43 27.93
C LYS A 278 15.47 -10.10 27.71
N ASP A 279 15.10 -9.38 26.64
CA ASP A 279 15.72 -8.09 26.34
C ASP A 279 15.40 -7.04 27.39
N SER A 280 14.31 -7.20 28.14
CA SER A 280 13.89 -6.18 29.09
C SER A 280 14.67 -6.20 30.40
N GLY A 281 15.65 -7.09 30.57
CA GLY A 281 16.53 -7.04 31.73
C GLY A 281 16.38 -8.17 32.72
N TYR A 282 15.53 -9.16 32.43
CA TYR A 282 15.25 -10.28 33.34
C TYR A 282 16.30 -11.35 33.16
N SER A 283 17.24 -11.35 34.09
CA SER A 283 18.43 -12.17 33.97
C SER A 283 18.21 -13.57 34.49
N LYS A 284 17.08 -13.83 35.13
CA LYS A 284 16.65 -15.17 35.57
C LYS A 284 15.27 -15.43 34.99
N PRO A 285 15.18 -15.82 33.72
CA PRO A 285 13.92 -16.21 33.12
C PRO A 285 13.65 -17.69 33.31
N ILE A 286 12.38 -18.03 33.43
CA ILE A 286 11.93 -19.42 33.48
C ILE A 286 10.87 -19.61 32.42
N LEU A 287 11.12 -20.51 31.48
CA LEU A 287 10.22 -20.76 30.36
C LEU A 287 9.50 -22.08 30.60
N TYR A 288 8.17 -22.02 30.74
CA TYR A 288 7.32 -23.19 30.88
C TYR A 288 6.52 -23.31 29.57
N GLY A 289 6.97 -24.20 28.70
CA GLY A 289 6.45 -24.22 27.34
C GLY A 289 5.03 -24.76 27.22
N ARG A 290 4.67 -25.74 28.07
CA ARG A 290 3.41 -26.43 27.90
C ARG A 290 2.26 -25.77 28.67
N GLY A 291 2.55 -25.09 29.76
CA GLY A 291 1.49 -24.51 30.57
C GLY A 291 0.74 -25.53 31.42
N THR A 292 1.40 -26.60 31.84
CA THR A 292 0.77 -27.68 32.55
C THR A 292 0.82 -27.47 34.06
N GLU A 293 0.07 -28.31 34.77
CA GLU A 293 0.10 -28.27 36.24
C GLU A 293 1.44 -28.74 36.78
N GLU A 294 2.12 -29.66 36.07
CA GLU A 294 3.44 -30.10 36.49
C GLU A 294 4.43 -28.93 36.47
N GLU A 295 4.30 -28.04 35.49
CA GLU A 295 5.13 -26.84 35.47
C GLU A 295 4.73 -25.87 36.56
N LEU A 296 3.43 -25.79 36.89
CA LEU A 296 3.01 -25.01 38.04
C LEU A 296 3.54 -25.60 39.34
N ASP A 297 3.70 -26.92 39.40
CA ASP A 297 4.28 -27.55 40.58
C ASP A 297 5.73 -27.12 40.76
N LYS A 298 6.52 -27.15 39.68
CA LYS A 298 7.90 -26.70 39.75
C LYS A 298 7.99 -25.25 40.20
N LEU A 299 7.11 -24.39 39.68
CA LEU A 299 7.12 -22.99 40.08
C LEU A 299 6.78 -22.83 41.57
N GLU A 300 5.79 -23.59 42.05
CA GLU A 300 5.41 -23.47 43.45
C GLU A 300 6.51 -23.97 44.37
N SER A 301 7.15 -25.10 44.02
CA SER A 301 8.27 -25.59 44.82
C SER A 301 9.40 -24.56 44.86
N TYR A 302 9.68 -23.92 43.73
CA TYR A 302 10.72 -22.90 43.68
C TYR A 302 10.36 -21.69 44.55
N LEU A 303 9.11 -21.22 44.46
CA LEU A 303 8.70 -20.05 45.23
C LEU A 303 8.68 -20.35 46.72
N ALA A 304 8.14 -21.52 47.09
CA ALA A 304 8.10 -21.90 48.51
C ALA A 304 9.50 -22.09 49.08
N ALA A 305 10.44 -22.57 48.28
CA ALA A 305 11.81 -22.80 48.71
C ALA A 305 12.66 -21.53 48.77
N GLY A 306 12.07 -20.36 48.52
CA GLY A 306 12.79 -19.11 48.56
C GLY A 306 13.00 -18.46 47.20
N GLY A 307 12.69 -19.15 46.11
CA GLY A 307 12.76 -18.57 44.79
C GLY A 307 11.95 -17.29 44.68
N LYS A 308 12.40 -16.36 43.86
CA LYS A 308 11.73 -15.08 43.68
C LYS A 308 11.11 -15.02 42.29
N CYS A 309 10.01 -14.28 42.17
CA CYS A 309 9.36 -14.09 40.89
C CYS A 309 8.78 -12.68 40.83
N THR A 310 9.08 -11.96 39.75
CA THR A 310 8.56 -10.61 39.56
C THR A 310 7.27 -10.57 38.76
N VAL A 311 7.19 -11.33 37.68
CA VAL A 311 6.06 -11.24 36.75
C VAL A 311 5.90 -12.59 36.06
N LEU A 312 4.66 -12.96 35.78
CA LEU A 312 4.33 -14.15 35.02
C LEU A 312 3.57 -13.75 33.77
N PHE A 313 4.06 -14.19 32.61
CA PHE A 313 3.42 -13.93 31.32
C PHE A 313 2.75 -15.20 30.83
N THR A 314 1.49 -15.09 30.43
CA THR A 314 0.77 -16.21 29.85
C THR A 314 -0.28 -15.69 28.87
N GLU A 315 -0.74 -16.58 28.00
CA GLU A 315 -1.80 -16.28 27.05
C GLU A 315 -2.94 -17.25 27.32
N ILE A 316 -4.18 -16.77 27.23
CA ILE A 316 -5.30 -17.53 27.76
C ILE A 316 -5.63 -18.72 26.87
N THR A 317 -5.72 -18.52 25.57
CA THR A 317 -5.89 -19.62 24.63
C THR A 317 -4.60 -19.69 23.83
N SER A 318 -3.93 -20.83 23.88
CA SER A 318 -2.57 -20.89 23.40
C SER A 318 -2.53 -21.19 21.91
N ASN A 319 -1.35 -20.98 21.33
CA ASN A 319 -1.08 -21.14 19.92
C ASN A 319 0.00 -22.19 19.74
N PRO A 320 -0.22 -23.21 18.91
CA PRO A 320 -1.42 -23.49 18.13
C PRO A 320 -2.29 -24.61 18.71
N GLN A 321 -2.08 -25.01 19.96
CA GLN A 321 -2.79 -26.15 20.52
C GLN A 321 -4.05 -25.76 21.29
N LEU A 322 -4.37 -24.47 21.37
CA LEU A 322 -5.61 -23.99 21.99
C LEU A 322 -5.72 -24.43 23.45
N HIS A 323 -4.58 -24.47 24.14
CA HIS A 323 -4.54 -24.86 25.54
C HIS A 323 -4.97 -23.69 26.43
N SER A 324 -5.61 -24.03 27.56
CA SER A 324 -5.99 -23.04 28.56
C SER A 324 -5.19 -23.23 29.83
N PRO A 325 -4.41 -22.24 30.27
CA PRO A 325 -3.70 -22.36 31.54
C PRO A 325 -4.63 -22.20 32.72
N ASN A 326 -4.20 -22.75 33.86
CA ASN A 326 -4.96 -22.69 35.10
C ASN A 326 -4.75 -21.31 35.72
N LEU A 327 -5.57 -20.34 35.29
CA LEU A 327 -5.44 -18.98 35.80
C LEU A 327 -5.81 -18.91 37.27
N VAL A 328 -6.76 -19.73 37.71
CA VAL A 328 -7.15 -19.73 39.12
C VAL A 328 -5.96 -20.08 40.00
N ARG A 329 -5.25 -21.16 39.65
CA ARG A 329 -4.06 -21.54 40.42
C ARG A 329 -2.95 -20.49 40.27
N ILE A 330 -2.76 -19.98 39.06
CA ILE A 330 -1.75 -18.93 38.84
C ILE A 330 -2.05 -17.72 39.71
N LYS A 331 -3.30 -17.26 39.71
CA LYS A 331 -3.65 -16.10 40.52
C LYS A 331 -3.50 -16.38 42.00
N ASN A 332 -3.69 -17.63 42.42
CA ASN A 332 -3.50 -17.98 43.82
C ASN A 332 -2.03 -17.88 44.21
N LEU A 333 -1.14 -18.41 43.37
CA LEU A 333 0.29 -18.27 43.62
C LEU A 333 0.71 -16.81 43.63
N ALA A 334 0.14 -16.01 42.73
CA ALA A 334 0.48 -14.59 42.68
C ALA A 334 0.07 -13.88 43.98
N ASP A 335 -1.08 -14.25 44.53
CA ASP A 335 -1.51 -13.65 45.78
C ASP A 335 -0.62 -14.05 46.95
N GLU A 336 -0.07 -15.26 46.92
CA GLU A 336 0.78 -15.71 48.02
C GLU A 336 2.18 -15.11 47.90
N TYR A 337 2.79 -15.19 46.73
CA TYR A 337 4.20 -14.84 46.58
C TYR A 337 4.41 -13.45 46.00
N GLY A 338 3.33 -12.77 45.62
CA GLY A 338 3.40 -11.37 45.30
C GLY A 338 4.06 -11.04 43.97
N PHE A 339 3.69 -11.76 42.93
CA PHE A 339 4.11 -11.38 41.58
C PHE A 339 2.88 -11.01 40.77
N THR A 340 3.11 -10.25 39.71
CA THR A 340 2.02 -9.78 38.86
C THR A 340 1.82 -10.72 37.68
N VAL A 341 0.56 -10.90 37.29
CA VAL A 341 0.19 -11.80 36.22
C VAL A 341 -0.22 -10.95 35.01
N VAL A 342 0.44 -11.18 33.88
CA VAL A 342 0.11 -10.53 32.62
C VAL A 342 -0.48 -11.61 31.70
N VAL A 343 -1.72 -11.39 31.26
CA VAL A 343 -2.45 -12.35 30.46
C VAL A 343 -2.80 -11.73 29.12
N ASP A 344 -2.41 -12.40 28.03
CA ASP A 344 -2.79 -12.01 26.69
C ASP A 344 -4.07 -12.75 26.29
N ASP A 345 -5.10 -11.99 25.93
CA ASP A 345 -6.39 -12.57 25.54
C ASP A 345 -6.68 -12.38 24.06
N THR A 346 -5.63 -12.27 23.23
CA THR A 346 -5.84 -12.08 21.79
C THR A 346 -6.62 -13.24 21.18
N ILE A 347 -6.15 -14.46 21.43
CA ILE A 347 -6.77 -15.66 20.91
C ILE A 347 -8.10 -15.99 21.58
N GLY A 348 -8.10 -16.04 22.90
CA GLY A 348 -9.31 -16.36 23.61
C GLY A 348 -10.40 -15.34 23.55
N THR A 349 -10.00 -14.07 23.51
CA THR A 349 -10.86 -12.88 23.44
C THR A 349 -11.68 -12.56 24.70
N SER A 350 -11.83 -11.27 24.95
CA SER A 350 -12.59 -10.86 26.09
C SER A 350 -14.06 -11.10 25.83
N VAL A 351 -14.46 -11.23 24.58
CA VAL A 351 -15.86 -11.49 24.29
C VAL A 351 -16.28 -12.86 24.81
N ASN A 352 -15.43 -13.87 24.60
CA ASN A 352 -15.76 -15.23 25.00
C ASN A 352 -15.32 -15.57 26.42
N LEU A 353 -14.34 -14.85 26.97
CA LEU A 353 -13.71 -15.26 28.22
C LEU A 353 -13.73 -14.12 29.23
N ASP A 354 -13.92 -14.49 30.49
CA ASP A 354 -13.86 -13.56 31.61
C ASP A 354 -12.63 -13.94 32.44
N ILE A 355 -11.50 -13.30 32.13
CA ILE A 355 -10.24 -13.59 32.79
C ILE A 355 -9.75 -12.43 33.64
N LEU A 356 -10.47 -11.31 33.65
CA LEU A 356 -10.09 -10.16 34.47
C LEU A 356 -9.90 -10.50 35.95
N PRO A 357 -10.68 -11.39 36.58
CA PRO A 357 -10.44 -11.70 38.00
C PRO A 357 -9.05 -12.22 38.31
N TYR A 358 -8.32 -12.75 37.32
CA TYR A 358 -7.07 -13.45 37.59
C TYR A 358 -5.84 -12.72 37.07
N ALA A 359 -6.01 -11.60 36.39
CA ALA A 359 -4.90 -10.90 35.76
C ALA A 359 -4.76 -9.50 36.36
N ASP A 360 -3.51 -9.09 36.59
CA ASP A 360 -3.24 -7.71 36.96
C ASP A 360 -3.21 -6.83 35.73
N VAL A 361 -2.68 -7.34 34.63
CA VAL A 361 -2.62 -6.64 33.36
C VAL A 361 -3.09 -7.58 32.26
N VAL A 362 -4.00 -7.09 31.41
CA VAL A 362 -4.44 -7.81 30.22
C VAL A 362 -3.89 -7.10 28.99
N THR A 363 -3.30 -7.87 28.08
CA THR A 363 -2.77 -7.34 26.84
C THR A 363 -3.53 -7.93 25.66
N THR A 364 -3.65 -7.15 24.59
CA THR A 364 -4.40 -7.56 23.42
C THR A 364 -3.75 -6.99 22.17
N SER A 365 -3.67 -7.81 21.12
CA SER A 365 -3.22 -7.36 19.82
C SER A 365 -4.46 -6.91 19.04
N LEU A 366 -4.65 -5.60 18.97
CA LEU A 366 -5.80 -5.05 18.25
C LEU A 366 -5.72 -5.31 16.75
N THR A 367 -4.52 -5.63 16.23
CA THR A 367 -4.37 -5.98 14.82
C THR A 367 -5.19 -7.22 14.45
N ILE A 369 -8.39 -10.11 15.64
CA ILE A 369 -9.84 -10.15 15.42
C ILE A 369 -10.55 -8.92 15.96
N PHE A 370 -9.92 -8.18 16.88
CA PHE A 370 -10.46 -6.89 17.30
C PHE A 370 -10.73 -5.99 16.10
N ASN A 371 -9.85 -6.05 15.09
CA ASN A 371 -9.99 -5.33 13.84
C ASN A 371 -10.56 -6.19 12.72
N GLY A 372 -10.07 -7.42 12.58
CA GLY A 372 -10.63 -8.36 11.63
C GLY A 372 -10.27 -8.12 10.17
N ALA A 373 -10.05 -6.87 9.79
CA ALA A 373 -9.94 -6.49 8.39
C ALA A 373 -8.52 -6.53 7.84
N CYS A 374 -7.53 -6.88 8.67
CA CYS A 374 -6.14 -7.00 8.23
C CYS A 374 -5.65 -5.73 7.53
N ASN A 375 -6.08 -4.57 8.04
CA ASN A 375 -5.75 -3.30 7.41
C ASN A 375 -5.45 -2.22 8.44
N ALA A 376 -5.02 -2.61 9.63
CA ALA A 376 -4.70 -1.65 10.69
C ALA A 376 -3.88 -2.37 11.75
N MET A 377 -3.04 -1.61 12.44
CA MET A 377 -2.17 -2.12 13.48
C MET A 377 -2.53 -1.48 14.82
N GLY A 378 -2.47 -2.28 15.88
CA GLY A 378 -2.76 -1.77 17.21
C GLY A 378 -2.52 -2.76 18.33
N GLY A 379 -2.18 -2.25 19.50
CA GLY A 379 -2.03 -3.08 20.68
C GLY A 379 -2.57 -2.37 21.89
N SER A 380 -3.02 -3.15 22.86
CA SER A 380 -3.71 -2.61 24.02
C SER A 380 -3.12 -3.18 25.31
N LEU A 381 -3.21 -2.37 26.36
CA LEU A 381 -2.72 -2.74 27.69
C LEU A 381 -3.77 -2.33 28.70
N ILE A 382 -4.41 -3.30 29.35
CA ILE A 382 -5.49 -3.03 30.31
C ILE A 382 -4.96 -3.33 31.71
N VAL A 383 -5.00 -2.33 32.58
CA VAL A 383 -4.58 -2.47 33.97
C VAL A 383 -5.80 -2.75 34.82
N ASN A 384 -5.80 -3.89 35.51
CA ASN A 384 -6.94 -4.30 36.33
C ASN A 384 -7.07 -3.40 37.55
N PRO A 385 -8.17 -2.66 37.70
CA PRO A 385 -8.34 -1.83 38.91
C PRO A 385 -8.46 -2.64 40.18
N ASN A 386 -8.76 -3.93 40.10
CA ASN A 386 -8.82 -4.80 41.25
C ASN A 386 -7.47 -5.40 41.62
N SER A 387 -6.40 -5.00 40.93
CA SER A 387 -5.08 -5.56 41.18
C SER A 387 -4.45 -4.92 42.42
N ARG A 388 -3.73 -5.75 43.17
CA ARG A 388 -3.01 -5.27 44.34
C ARG A 388 -1.93 -4.27 43.96
N HIS A 389 -1.52 -4.25 42.69
CA HIS A 389 -0.50 -3.34 42.18
C HIS A 389 -1.05 -2.32 41.18
N TYR A 390 -2.37 -2.09 41.19
CA TYR A 390 -2.96 -1.15 40.22
C TYR A 390 -2.30 0.22 40.31
N ARG A 391 -2.11 0.74 41.49
CA ARG A 391 -1.55 2.06 41.59
C ARG A 391 -0.13 2.15 41.07
N ARG A 392 0.67 1.15 41.38
CA ARG A 392 2.05 1.17 40.95
C ARG A 392 2.15 1.01 39.48
N ILE A 393 1.34 0.13 38.92
CA ILE A 393 1.43 -0.16 37.49
C ILE A 393 0.86 1.00 36.67
N HIS A 394 -0.29 1.53 37.08
CA HIS A 394 -0.94 2.59 36.31
C HIS A 394 -0.09 3.86 36.25
N THR A 395 0.44 4.31 37.40
CA THR A 395 1.24 5.53 37.39
C THR A 395 2.49 5.38 36.54
N TYR A 396 3.13 4.21 36.59
CA TYR A 396 4.29 4.00 35.73
C TYR A 396 3.89 4.07 34.26
N LEU A 397 2.82 3.36 33.87
CA LEU A 397 2.44 3.33 32.47
C LEU A 397 2.01 4.71 31.97
N GLN A 398 1.23 5.44 32.76
CA GLN A 398 0.87 6.80 32.34
C GLN A 398 2.07 7.74 32.44
N GLY A 399 2.88 7.60 33.48
CA GLY A 399 4.03 8.47 33.64
C GLY A 399 5.09 8.28 32.59
N HIS A 400 5.05 7.16 31.86
CA HIS A 400 6.01 6.87 30.79
C HIS A 400 5.33 6.76 29.42
N PHE A 401 4.13 7.33 29.28
CA PHE A 401 3.33 7.11 28.08
C PHE A 401 3.72 8.05 26.96
N GLU A 402 4.04 7.47 25.81
CA GLU A 402 4.12 8.20 24.54
C GLU A 402 3.08 7.65 23.58
N ASP A 403 2.32 8.54 22.96
CA ASP A 403 1.30 8.12 22.00
C ASP A 403 1.97 7.66 20.72
N LEU A 404 2.00 6.35 20.49
CA LEU A 404 2.65 5.80 19.31
C LEU A 404 1.70 5.08 18.36
N LEU A 405 0.40 5.10 18.64
CA LEU A 405 -0.60 4.53 17.75
C LEU A 405 -0.97 5.57 16.71
N PHE A 406 -0.52 5.36 15.47
CA PHE A 406 -0.76 6.33 14.41
C PHE A 406 -2.26 6.56 14.24
N PRO A 407 -2.71 7.81 14.17
CA PRO A 407 -4.16 8.10 14.16
C PRO A 407 -4.95 7.36 13.08
N ALA A 408 -4.44 7.29 11.84
CA ALA A 408 -5.19 6.60 10.79
C ALA A 408 -5.44 5.15 11.16
N ASP A 409 -4.47 4.49 11.81
CA ASP A 409 -4.70 3.14 12.31
C ASP A 409 -5.78 3.13 13.37
N ALA A 410 -5.76 4.12 14.27
CA ALA A 410 -6.78 4.19 15.31
C ALA A 410 -8.16 4.48 14.73
N VAL A 411 -8.22 5.16 13.59
CA VAL A 411 -9.51 5.43 12.94
C VAL A 411 -10.12 4.13 12.44
N VAL A 412 -9.33 3.30 11.76
CA VAL A 412 -9.84 2.04 11.25
C VAL A 412 -10.19 1.10 12.39
N LEU A 413 -9.34 1.05 13.43
CA LEU A 413 -9.64 0.21 14.57
C LEU A 413 -10.93 0.62 15.26
N SER A 414 -11.13 1.94 15.43
CA SER A 414 -12.34 2.42 16.08
C SER A 414 -13.59 2.11 15.27
N GLU A 415 -13.47 2.10 13.94
CA GLU A 415 -14.61 1.74 13.10
C GLU A 415 -14.87 0.24 13.13
N ASN A 416 -13.82 -0.56 12.98
CA ASN A 416 -13.97 -2.01 12.87
C ASN A 416 -14.26 -2.69 14.20
N CYS A 417 -13.95 -2.06 15.32
CA CYS A 417 -14.17 -2.69 16.62
C CYS A 417 -15.61 -2.58 17.09
N ILE A 418 -16.45 -1.80 16.41
CA ILE A 418 -17.85 -1.66 16.82
C ILE A 418 -18.57 -2.99 16.77
N ASP A 419 -18.19 -3.86 15.84
CA ASP A 419 -18.77 -5.20 15.73
C ASP A 419 -17.75 -6.29 16.06
N TYR A 420 -16.77 -5.96 16.90
CA TYR A 420 -15.83 -6.98 17.38
C TYR A 420 -16.52 -8.05 18.22
N PRO A 421 -17.44 -7.74 19.14
CA PRO A 421 -18.19 -8.82 19.80
C PRO A 421 -18.93 -9.72 18.82
N GLU A 422 -19.70 -9.13 17.92
CA GLU A 422 -20.50 -9.93 16.99
C GLU A 422 -19.61 -10.78 16.09
N ARG A 423 -18.48 -10.23 15.65
CA ARG A 423 -17.60 -10.98 14.76
C ARG A 423 -16.95 -12.16 15.49
N VAL A 424 -16.63 -11.98 16.77
CA VAL A 424 -16.13 -13.11 17.56
C VAL A 424 -17.20 -14.19 17.67
N LYS A 425 -18.45 -13.77 17.90
CA LYS A 425 -19.56 -14.71 18.01
C LYS A 425 -19.75 -15.51 16.71
N ARG A 426 -19.59 -14.83 15.57
CA ARG A 426 -19.75 -15.47 14.27
C ARG A 426 -18.59 -16.43 13.99
N CYS A 427 -17.36 -15.94 14.07
CA CYS A 427 -16.20 -16.79 13.82
C CYS A 427 -16.16 -17.98 14.76
N SER A 428 -16.44 -17.77 16.05
CA SER A 428 -16.41 -18.87 17.01
C SER A 428 -17.46 -19.92 16.69
N ALA A 429 -18.66 -19.48 16.28
CA ALA A 429 -19.70 -20.43 15.90
C ALA A 429 -19.27 -21.26 14.70
N THR A 430 -18.74 -20.60 13.66
CA THR A 430 -18.24 -21.32 12.50
C THR A 430 -17.07 -22.22 12.88
N ALA A 431 -16.14 -21.70 13.68
CA ALA A 431 -14.94 -22.47 14.03
C ALA A 431 -15.29 -23.70 14.85
N ARG A 432 -16.30 -23.60 15.73
CA ARG A 432 -16.73 -24.76 16.50
C ARG A 432 -17.34 -25.82 15.61
N ALA A 433 -18.17 -25.43 14.64
CA ALA A 433 -18.79 -26.40 13.75
C ALA A 433 -17.75 -27.07 12.86
N ILE A 434 -16.81 -26.28 12.31
CA ILE A 434 -15.80 -26.85 11.43
C ILE A 434 -14.87 -27.78 12.21
N ALA A 435 -14.50 -27.39 13.44
CA ALA A 435 -13.62 -28.22 14.24
C ALA A 435 -14.25 -29.57 14.53
N HIS A 436 -15.53 -29.59 14.91
CA HIS A 436 -16.21 -30.85 15.17
C HIS A 436 -16.40 -31.66 13.89
N PHE A 437 -16.60 -30.98 12.75
CA PHE A 437 -16.64 -31.68 11.48
C PHE A 437 -15.30 -32.34 11.18
N LEU A 438 -14.20 -31.60 11.38
CA LEU A 438 -12.88 -32.17 11.14
C LEU A 438 -12.58 -33.29 12.13
N ALA A 439 -12.94 -33.11 13.41
CA ALA A 439 -12.60 -34.11 14.42
C ALA A 439 -13.21 -35.46 14.10
N ALA A 440 -14.42 -35.48 13.54
CA ALA A 440 -15.09 -36.72 13.18
C ALA A 440 -14.57 -37.31 11.86
N HIS A 441 -13.54 -36.71 11.26
CA HIS A 441 -13.17 -37.29 9.98
C HIS A 441 -12.13 -38.39 10.18
N PRO A 442 -12.29 -39.51 9.44
CA PRO A 442 -11.40 -40.66 9.65
C PRO A 442 -9.93 -40.36 9.39
N SER A 443 -9.61 -39.37 8.55
CA SER A 443 -8.22 -39.01 8.29
C SER A 443 -7.62 -38.15 9.39
N ILE A 444 -8.44 -37.67 10.33
CA ILE A 444 -7.99 -36.73 11.36
C ILE A 444 -7.61 -37.52 12.61
N ASP A 445 -6.38 -37.34 13.06
CA ASP A 445 -5.97 -37.85 14.36
C ASP A 445 -6.77 -37.14 15.44
N TYR A 446 -6.56 -35.84 15.60
CA TYR A 446 -7.35 -35.05 16.53
C TYR A 446 -7.27 -33.59 16.12
N VAL A 447 -8.23 -32.81 16.63
CA VAL A 447 -8.33 -31.37 16.35
C VAL A 447 -8.15 -30.62 17.66
N ASN A 448 -7.29 -29.62 17.66
CA ASN A 448 -7.09 -28.77 18.83
C ASN A 448 -8.09 -27.62 18.77
N TYR A 449 -9.09 -27.69 19.65
CA TYR A 449 -10.13 -26.68 19.79
C TYR A 449 -10.68 -26.84 21.19
N PRO A 450 -11.04 -25.75 21.89
CA PRO A 450 -11.36 -25.87 23.32
C PRO A 450 -12.52 -26.82 23.65
N THR A 451 -13.32 -27.24 22.67
CA THR A 451 -14.35 -28.22 22.95
C THR A 451 -13.83 -29.65 22.90
N LEU A 452 -12.62 -29.86 22.38
CA LEU A 452 -12.06 -31.19 22.22
C LEU A 452 -10.81 -31.44 23.05
N VAL A 453 -10.02 -30.42 23.33
CA VAL A 453 -8.72 -30.58 23.98
C VAL A 453 -8.88 -31.02 25.44
N PRO A 454 -7.86 -31.63 26.05
CA PRO A 454 -7.98 -32.05 27.46
C PRO A 454 -8.16 -30.90 28.43
N SER A 455 -7.73 -29.69 28.10
CA SER A 455 -7.93 -28.54 28.98
C SER A 455 -9.28 -27.87 28.79
N ARG A 456 -10.27 -28.60 28.24
CA ARG A 456 -11.59 -28.01 28.04
C ARG A 456 -12.19 -27.56 29.37
N GLU A 457 -11.98 -28.35 30.43
CA GLU A 457 -12.58 -28.00 31.72
C GLU A 457 -12.01 -26.69 32.24
N GLU A 458 -10.82 -26.35 31.84
CA GLU A 458 -10.23 -25.10 32.26
C GLU A 458 -10.85 -23.98 31.46
N TYR A 459 -11.01 -24.19 30.16
CA TYR A 459 -11.68 -23.20 29.33
C TYR A 459 -13.09 -22.89 29.85
N GLU A 460 -13.81 -23.92 30.29
CA GLU A 460 -15.17 -23.72 30.80
C GLU A 460 -15.20 -22.97 32.12
N ARG A 461 -14.06 -22.78 32.73
CA ARG A 461 -13.99 -22.06 33.99
C ARG A 461 -14.09 -20.58 33.76
N TYR A 462 -13.65 -20.13 32.61
CA TYR A 462 -13.62 -18.71 32.28
C TYR A 462 -14.57 -18.32 31.16
N ARG A 463 -15.12 -19.28 30.42
CA ARG A 463 -16.04 -18.98 29.34
C ARG A 463 -17.29 -18.31 29.88
N ARG A 464 -17.70 -17.21 29.25
CA ARG A 464 -18.95 -16.57 29.61
C ARG A 464 -20.12 -17.41 29.12
N ASP A 465 -21.20 -17.42 29.91
CA ASP A 465 -22.36 -18.20 29.51
C ASP A 465 -23.01 -17.60 28.27
N GLY A 466 -23.35 -18.46 27.32
CA GLY A 466 -23.88 -18.04 26.04
C GLY A 466 -22.85 -17.61 25.03
N GLU A 467 -21.57 -17.67 25.37
CA GLU A 467 -20.50 -17.39 24.42
C GLU A 467 -19.79 -18.69 24.05
N GLY A 468 -19.02 -18.62 22.97
CA GLY A 468 -18.49 -19.81 22.32
C GLY A 468 -17.05 -20.10 22.69
N TYR A 469 -16.36 -20.79 21.77
CA TYR A 469 -15.08 -21.43 22.06
C TYR A 469 -13.95 -20.95 21.15
N GLY A 470 -14.10 -19.78 20.54
CA GLY A 470 -13.01 -19.14 19.85
C GLY A 470 -12.99 -19.41 18.35
N TYR A 471 -12.09 -18.69 17.67
CA TYR A 471 -11.99 -18.72 16.23
C TYR A 471 -10.79 -19.47 15.71
N LEU A 472 -9.83 -19.82 16.57
CA LEU A 472 -8.62 -20.50 16.17
C LEU A 472 -8.74 -22.00 16.44
N LEU A 473 -8.19 -22.79 15.53
CA LEU A 473 -8.09 -24.23 15.71
C LEU A 473 -6.84 -24.71 15.00
N SER A 474 -6.44 -25.95 15.28
CA SER A 474 -5.36 -26.59 14.55
C SER A 474 -5.71 -28.05 14.33
N ILE A 475 -5.18 -28.61 13.25
CA ILE A 475 -5.52 -29.96 12.80
C ILE A 475 -4.26 -30.82 12.85
N VAL A 476 -4.35 -31.94 13.56
CA VAL A 476 -3.30 -32.95 13.59
C VAL A 476 -3.79 -34.13 12.75
N PHE A 477 -3.21 -34.31 11.57
CA PHE A 477 -3.63 -35.38 10.68
C PHE A 477 -3.00 -36.70 11.09
N ARG A 478 -3.56 -37.79 10.55
CA ARG A 478 -3.01 -39.12 10.84
C ARG A 478 -1.67 -39.33 10.14
N GLU A 479 -1.57 -38.88 8.88
CA GLU A 479 -0.36 -39.06 8.08
C GLU A 479 0.15 -37.70 7.64
N PRO A 480 1.41 -37.35 7.93
CA PRO A 480 1.94 -36.06 7.46
C PRO A 480 1.84 -35.86 5.95
N ASP A 481 1.97 -36.92 5.15
CA ASP A 481 1.77 -36.78 3.72
C ASP A 481 0.39 -36.23 3.41
N PHE A 482 -0.64 -36.76 4.08
CA PHE A 482 -2.00 -36.27 3.87
C PHE A 482 -2.11 -34.80 4.27
N ALA A 483 -1.39 -34.40 5.31
CA ALA A 483 -1.44 -33.01 5.76
C ALA A 483 -0.97 -32.05 4.67
N VAL A 484 0.11 -32.40 3.97
CA VAL A 484 0.64 -31.48 2.96
C VAL A 484 -0.27 -31.48 1.72
N ARG A 485 -0.80 -32.64 1.33
CA ARG A 485 -1.75 -32.65 0.22
C ARG A 485 -3.04 -31.93 0.58
N PHE A 486 -3.44 -31.99 1.84
CA PHE A 486 -4.65 -31.27 2.27
C PHE A 486 -4.40 -29.76 2.30
N PHE A 487 -3.24 -29.36 2.75
CA PHE A 487 -2.94 -27.96 2.81
C PHE A 487 -2.76 -27.35 1.45
N ASP A 488 -2.17 -28.08 0.53
CA ASP A 488 -1.95 -27.53 -0.79
C ASP A 488 -3.23 -27.44 -1.55
N ALA A 489 -4.15 -28.31 -1.23
CA ALA A 489 -5.45 -28.30 -1.90
C ALA A 489 -6.44 -27.34 -1.26
N LEU A 490 -6.15 -26.78 -0.10
CA LEU A 490 -7.11 -25.95 0.62
C LEU A 490 -7.13 -24.57 -0.01
N ASP A 491 -8.22 -24.26 -0.72
CA ASP A 491 -8.34 -22.99 -1.42
C ASP A 491 -8.92 -21.93 -0.48
N ILE A 492 -8.10 -21.54 0.49
CA ILE A 492 -8.35 -20.39 1.34
C ILE A 492 -7.03 -19.62 1.49
N TRP A 493 -7.13 -18.43 2.06
CA TRP A 493 -5.93 -17.63 2.28
C TRP A 493 -4.93 -18.39 3.12
N LYS A 494 -3.66 -18.22 2.81
CA LYS A 494 -2.56 -18.86 3.52
C LYS A 494 -1.60 -17.80 4.00
N GLY A 495 -1.18 -17.89 5.24
CA GLY A 495 -0.30 -16.91 5.82
C GLY A 495 -0.22 -17.03 7.32
N PRO A 496 0.63 -16.21 7.94
CA PRO A 496 0.88 -16.36 9.39
C PRO A 496 -0.10 -15.62 10.30
N SER A 497 -0.98 -14.79 9.75
CA SER A 497 -1.84 -13.97 10.61
C SER A 497 -3.09 -14.75 11.04
N ILE A 498 -3.69 -14.26 12.13
CA ILE A 498 -4.90 -14.85 12.69
C ILE A 498 -5.86 -13.72 13.04
N GLY A 499 -7.11 -14.09 13.29
CA GLY A 499 -8.12 -13.10 13.62
C GLY A 499 -8.52 -12.24 12.44
N THR A 500 -8.59 -12.81 11.25
CA THR A 500 -8.99 -12.10 10.05
C THR A 500 -10.43 -12.42 9.71
N ASN A 501 -11.08 -11.50 9.00
CA ASN A 501 -12.45 -11.73 8.54
C ASN A 501 -12.51 -12.85 7.51
N SER A 502 -11.41 -13.15 6.84
CA SER A 502 -11.32 -14.28 5.92
C SER A 502 -10.56 -15.42 6.59
N SER A 503 -10.94 -16.65 6.26
CA SER A 503 -10.27 -17.80 6.83
C SER A 503 -8.86 -17.92 6.27
N ILE A 504 -7.95 -18.41 7.12
CA ILE A 504 -6.54 -18.45 6.78
C ILE A 504 -5.90 -19.66 7.47
N ALA A 505 -4.99 -20.32 6.75
CA ALA A 505 -4.34 -21.54 7.21
C ALA A 505 -2.82 -21.38 7.18
N LEU A 506 -2.14 -22.23 7.96
CA LEU A 506 -0.68 -22.20 7.99
C LEU A 506 -0.16 -23.53 8.46
N PRO A 507 0.95 -24.05 7.92
CA PRO A 507 1.62 -25.22 8.44
C PRO A 507 2.72 -24.88 9.43
N TYR A 508 3.28 -25.94 10.03
CA TYR A 508 4.37 -25.79 10.99
C TYR A 508 5.63 -25.20 10.34
N SER A 509 5.87 -25.54 9.07
CA SER A 509 7.01 -25.01 8.33
C SER A 509 7.17 -23.50 8.52
N VAL A 510 6.15 -22.73 8.10
CA VAL A 510 6.19 -21.28 8.26
C VAL A 510 6.17 -20.88 9.73
N LEU A 511 5.78 -21.78 10.62
CA LEU A 511 5.72 -21.49 12.05
C LEU A 511 7.11 -21.58 12.70
N ALA A 512 8.14 -21.20 11.96
CA ALA A 512 9.51 -21.19 12.48
C ALA A 512 10.37 -20.20 11.69
N VAL A 525 4.33 -30.83 20.57
CA VAL A 525 3.61 -30.37 19.38
C VAL A 525 4.11 -31.12 18.13
N PRO A 526 3.20 -31.83 17.46
CA PRO A 526 3.57 -32.51 16.22
C PRO A 526 3.96 -31.49 15.16
N LYS A 527 4.95 -31.86 14.34
CA LYS A 527 5.56 -30.93 13.41
C LYS A 527 4.92 -30.95 12.02
N HIS A 528 3.80 -31.65 11.84
CA HIS A 528 2.99 -31.56 10.63
C HIS A 528 1.65 -30.88 10.90
N ILE A 529 1.54 -30.12 12.00
CA ILE A 529 0.28 -29.51 12.39
C ILE A 529 -0.12 -28.42 11.40
N VAL A 530 -1.43 -28.29 11.18
CA VAL A 530 -1.99 -27.28 10.30
C VAL A 530 -2.93 -26.42 11.15
N ARG A 531 -2.68 -25.11 11.15
CA ARG A 531 -3.46 -24.18 11.96
C ARG A 531 -4.44 -23.41 11.09
N LEU A 532 -5.64 -23.20 11.62
CA LEU A 532 -6.72 -22.55 10.88
C LEU A 532 -7.32 -21.44 11.74
N SER A 533 -7.37 -20.23 11.19
CA SER A 533 -8.05 -19.11 11.83
C SER A 533 -9.33 -18.84 11.03
N VAL A 534 -10.48 -19.14 11.64
CA VAL A 534 -11.75 -19.13 10.93
C VAL A 534 -12.29 -17.72 10.87
N GLY A 535 -12.63 -17.27 9.66
CA GLY A 535 -13.18 -15.94 9.44
C GLY A 535 -14.69 -15.90 9.49
N LEU A 536 -15.27 -14.97 8.72
CA LEU A 536 -16.70 -14.68 8.79
C LEU A 536 -17.51 -15.49 7.78
N GLU A 537 -16.88 -16.30 6.95
CA GLU A 537 -17.59 -17.14 6.00
C GLU A 537 -18.47 -18.16 6.73
N SER A 538 -19.57 -18.54 6.07
CA SER A 538 -20.51 -19.53 6.57
C SER A 538 -19.88 -20.93 6.61
N GLU A 539 -20.54 -21.82 7.30
CA GLU A 539 -20.08 -23.17 7.40
C GLU A 539 -20.17 -23.87 6.07
N ALA A 540 -21.16 -23.54 5.26
CA ALA A 540 -21.32 -24.13 3.93
C ALA A 540 -20.14 -23.79 3.04
N TRP A 541 -19.71 -22.53 3.06
CA TRP A 541 -18.51 -22.14 2.33
C TRP A 541 -17.28 -22.85 2.89
N LEU A 542 -17.10 -22.80 4.21
CA LEU A 542 -15.87 -23.34 4.80
C LEU A 542 -15.88 -24.87 4.78
N ARG A 543 -17.00 -25.50 5.13
CA ARG A 543 -17.10 -26.95 5.01
C ARG A 543 -16.81 -27.40 3.57
N ASP A 544 -17.24 -26.61 2.59
CA ASP A 544 -17.01 -26.98 1.20
C ASP A 544 -15.53 -26.88 0.84
N ARG A 545 -14.88 -25.78 1.24
CA ARG A 545 -13.45 -25.64 1.02
C ARG A 545 -12.68 -26.77 1.69
N VAL A 546 -13.12 -27.19 2.87
CA VAL A 546 -12.43 -28.25 3.60
C VAL A 546 -12.71 -29.61 2.98
N THR A 547 -13.96 -29.86 2.58
CA THR A 547 -14.31 -31.15 1.99
C THR A 547 -13.54 -31.40 0.69
N GLU A 548 -13.52 -30.42 -0.20
CA GLU A 548 -12.81 -30.58 -1.47
C GLU A 548 -11.33 -30.85 -1.26
N ALA A 549 -10.70 -30.15 -0.30
CA ALA A 549 -9.31 -30.41 0.00
C ALA A 549 -9.11 -31.81 0.56
N LEU A 550 -10.02 -32.26 1.43
CA LEU A 550 -9.93 -33.64 1.94
C LEU A 550 -9.99 -34.64 0.80
N ALA A 551 -10.87 -34.42 -0.18
CA ALA A 551 -10.94 -35.30 -1.34
C ALA A 551 -9.64 -35.27 -2.13
N LYS A 552 -9.15 -34.07 -2.44
CA LYS A 552 -7.93 -33.92 -3.21
C LYS A 552 -6.70 -34.49 -2.49
N ALA A 553 -6.76 -34.60 -1.16
CA ALA A 553 -5.62 -35.10 -0.39
C ALA A 553 -5.48 -36.62 -0.44
N THR A 554 -6.49 -37.34 -0.93
CA THR A 554 -6.33 -38.78 -1.00
C THR A 554 -5.75 -39.19 -2.34
N PRO A 555 -4.80 -40.15 -2.36
CA PRO A 555 -4.17 -40.63 -3.59
C PRO A 555 -5.13 -41.41 -4.48
N GLY B 66 3.62 -13.26 4.58
CA GLY B 66 2.86 -12.03 4.59
C GLY B 66 2.16 -11.74 5.91
N PHE B 67 2.84 -11.04 6.80
CA PHE B 67 2.30 -10.68 8.11
C PHE B 67 1.35 -9.49 8.08
N CYS B 68 0.28 -9.61 8.79
CA CYS B 68 -0.82 -8.64 8.77
C CYS B 68 -0.42 -7.38 9.55
N PRO B 69 -0.84 -6.18 9.09
CA PRO B 69 -1.72 -5.82 7.96
C PRO B 69 -1.15 -6.10 6.57
N ILE B 70 -2.03 -6.34 5.59
CA ILE B 70 -1.65 -6.64 4.22
C ILE B 70 -2.09 -5.49 3.33
N VAL B 71 -1.19 -5.04 2.46
CA VAL B 71 -1.52 -4.11 1.38
C VAL B 71 -1.56 -4.90 0.07
N GLY B 72 -2.35 -4.41 -0.88
CA GLY B 72 -2.62 -5.24 -2.05
C GLY B 72 -3.52 -6.40 -1.69
N GLY B 73 -3.39 -7.48 -2.44
CA GLY B 73 -4.12 -8.70 -2.13
C GLY B 73 -5.49 -8.83 -2.76
N LEU B 74 -5.99 -7.79 -3.44
CA LEU B 74 -7.29 -7.89 -4.07
C LEU B 74 -7.34 -9.02 -5.09
N THR B 75 -6.30 -9.15 -5.91
CA THR B 75 -6.28 -10.21 -6.91
C THR B 75 -6.24 -11.58 -6.26
N GLU B 76 -5.39 -11.76 -5.23
CA GLU B 76 -5.31 -13.04 -4.55
C GLU B 76 -6.61 -13.37 -3.85
N ALA B 77 -7.28 -12.37 -3.27
CA ALA B 77 -8.53 -12.62 -2.57
C ALA B 77 -9.67 -12.92 -3.55
N ALA B 78 -9.66 -12.26 -4.71
CA ALA B 78 -10.69 -12.54 -5.71
C ALA B 78 -10.49 -13.92 -6.33
N LEU B 79 -9.23 -14.32 -6.53
CA LEU B 79 -8.96 -15.67 -7.03
C LEU B 79 -9.47 -16.73 -6.06
N ILE B 80 -9.29 -16.51 -4.76
CA ILE B 80 -9.75 -17.47 -3.77
C ILE B 80 -11.26 -17.57 -3.77
N ARG B 81 -11.95 -16.43 -3.93
CA ARG B 81 -13.41 -16.44 -3.96
C ARG B 81 -13.95 -17.35 -5.07
N VAL B 82 -13.27 -17.38 -6.21
CA VAL B 82 -13.74 -18.15 -7.36
C VAL B 82 -13.02 -19.49 -7.48
N LYS B 83 -12.32 -19.92 -6.43
CA LYS B 83 -11.66 -21.22 -6.38
C LYS B 83 -10.65 -21.40 -7.51
N ARG B 84 -9.98 -20.32 -7.91
CA ARG B 84 -8.90 -20.38 -8.89
C ARG B 84 -7.63 -19.74 -8.35
N PRO B 85 -7.12 -20.22 -7.21
CA PRO B 85 -5.90 -19.63 -6.66
C PRO B 85 -4.64 -20.15 -7.34
N THR B 86 -4.78 -21.00 -8.35
CA THR B 86 -3.66 -21.63 -9.04
C THR B 86 -4.07 -21.95 -10.48
N GLY B 87 -3.11 -21.82 -11.39
CA GLY B 87 -3.29 -22.27 -12.75
C GLY B 87 -3.80 -21.24 -13.74
N VAL B 88 -4.13 -20.03 -13.30
CA VAL B 88 -4.66 -19.00 -14.19
C VAL B 88 -3.99 -17.66 -13.87
N LYS B 89 -3.93 -16.81 -14.87
CA LYS B 89 -3.45 -15.47 -14.68
C LYS B 89 -4.67 -14.60 -14.46
N ALA B 90 -4.48 -13.46 -13.86
CA ALA B 90 -5.61 -12.61 -13.52
C ALA B 90 -5.27 -11.15 -13.78
N ARG B 91 -6.31 -10.40 -14.17
CA ARG B 91 -6.25 -8.95 -14.28
C ARG B 91 -7.56 -8.38 -13.77
N ILE B 92 -7.51 -7.18 -13.22
CA ILE B 92 -8.69 -6.54 -12.65
C ILE B 92 -8.85 -5.18 -13.29
N PHE B 93 -9.95 -4.99 -14.01
CA PHE B 93 -10.34 -3.71 -14.57
C PHE B 93 -11.63 -3.24 -13.91
N ILE B 94 -11.95 -1.96 -14.12
CA ILE B 94 -13.19 -1.41 -13.59
C ILE B 94 -14.27 -1.29 -14.64
N SER B 95 -14.00 -1.70 -15.87
CA SER B 95 -14.96 -1.62 -16.96
C SER B 95 -15.03 -2.97 -17.67
N ARG B 96 -16.24 -3.37 -18.05
CA ARG B 96 -16.40 -4.59 -18.83
C ARG B 96 -15.80 -4.46 -20.22
N GLU B 97 -15.65 -3.24 -20.73
CA GLU B 97 -15.10 -3.04 -22.07
C GLU B 97 -13.61 -3.35 -22.09
N ALA B 98 -12.87 -2.84 -21.11
CA ALA B 98 -11.44 -3.13 -21.03
C ALA B 98 -11.19 -4.62 -20.81
N ALA B 99 -11.98 -5.25 -19.94
CA ALA B 99 -11.88 -6.69 -19.74
C ALA B 99 -12.03 -7.44 -21.06
N SER B 100 -12.97 -7.01 -21.90
CA SER B 100 -13.20 -7.68 -23.17
C SER B 100 -12.01 -7.52 -24.11
N ARG B 101 -11.37 -6.35 -24.10
CA ARG B 101 -10.24 -6.12 -25.00
C ARG B 101 -9.06 -7.00 -24.64
N LEU B 102 -8.94 -7.42 -23.38
CA LEU B 102 -7.93 -8.40 -23.02
C LEU B 102 -8.36 -9.81 -23.42
N GLU B 103 -9.64 -10.14 -23.22
CA GLU B 103 -10.16 -11.44 -23.63
C GLU B 103 -9.97 -11.65 -25.14
N HIS B 104 -10.17 -10.59 -25.93
CA HIS B 104 -10.06 -10.72 -27.37
C HIS B 104 -8.61 -10.94 -27.79
N THR B 105 -7.67 -10.27 -27.12
CA THR B 105 -6.26 -10.43 -27.47
C THR B 105 -5.75 -11.83 -27.13
N VAL B 106 -6.23 -12.40 -26.03
CA VAL B 106 -5.86 -13.77 -25.69
C VAL B 106 -6.48 -14.74 -26.68
N LYS B 107 -7.73 -14.48 -27.09
CA LYS B 107 -8.44 -15.36 -28.00
C LYS B 107 -7.90 -15.28 -29.43
N VAL B 108 -7.15 -14.25 -29.76
CA VAL B 108 -6.63 -14.14 -31.10
C VAL B 108 -5.33 -14.92 -31.20
N LYS B 109 -4.70 -15.14 -30.07
CA LYS B 109 -3.49 -15.87 -30.05
C LYS B 109 -3.89 -17.33 -29.91
N ASP B 110 -4.98 -17.62 -29.24
CA ASP B 110 -5.43 -19.00 -29.10
C ASP B 110 -6.93 -18.97 -28.97
N PRO B 111 -7.66 -19.35 -30.03
CA PRO B 111 -9.12 -19.31 -30.05
C PRO B 111 -9.74 -20.28 -29.06
N ALA B 112 -9.00 -21.29 -28.63
CA ALA B 112 -9.47 -22.29 -27.69
C ALA B 112 -9.14 -21.98 -26.22
N ALA B 113 -8.56 -20.82 -25.92
CA ALA B 113 -8.13 -20.50 -24.56
C ALA B 113 -9.34 -20.26 -23.64
N LYS B 114 -9.30 -20.81 -22.42
CA LYS B 114 -10.39 -20.54 -21.48
C LYS B 114 -10.13 -19.13 -20.96
N VAL B 115 -11.07 -18.22 -21.17
CA VAL B 115 -10.97 -16.86 -20.67
C VAL B 115 -12.33 -16.53 -20.08
N SER B 116 -12.37 -16.29 -18.78
CA SER B 116 -13.60 -15.97 -18.09
C SER B 116 -13.54 -14.53 -17.63
N VAL B 117 -14.72 -13.92 -17.53
CA VAL B 117 -14.87 -12.54 -17.12
C VAL B 117 -15.88 -12.54 -15.99
N VAL B 118 -15.42 -12.28 -14.77
CA VAL B 118 -16.24 -12.37 -13.58
C VAL B 118 -16.45 -10.96 -13.04
N GLN B 119 -17.72 -10.57 -12.89
CA GLN B 119 -18.07 -9.26 -12.39
C GLN B 119 -18.31 -9.33 -10.90
N PHE B 120 -17.54 -8.56 -10.14
CA PHE B 120 -17.75 -8.39 -8.71
C PHE B 120 -18.49 -7.08 -8.48
N GLU B 121 -19.44 -7.09 -7.55
CA GLU B 121 -20.24 -5.90 -7.30
C GLU B 121 -20.87 -6.01 -5.92
N LEU B 122 -21.07 -4.88 -5.29
CA LEU B 122 -21.72 -4.80 -4.00
C LEU B 122 -23.19 -4.78 -4.28
N ARG B 123 -23.86 -5.89 -4.02
CA ARG B 123 -25.28 -6.09 -4.34
C ARG B 123 -26.40 -5.29 -3.68
N GLN B 124 -26.41 -5.15 -2.36
CA GLN B 124 -27.52 -4.50 -1.71
C GLN B 124 -27.18 -3.37 -0.79
N SER B 125 -27.30 -2.13 -1.25
CA SER B 125 -26.97 -0.99 -0.40
C SER B 125 -27.68 0.34 -0.69
N ASN B 126 -28.16 1.02 0.35
CA ASN B 126 -28.80 2.32 0.23
C ASN B 126 -27.80 3.44 -0.04
N SER B 127 -26.51 3.13 -0.06
CA SER B 127 -25.49 4.11 -0.35
C SER B 127 -25.05 3.97 -1.80
N PRO B 128 -25.38 4.92 -2.67
CA PRO B 128 -24.93 4.82 -4.07
C PRO B 128 -23.44 5.02 -4.24
N ASP B 129 -22.78 5.73 -3.33
CA ASP B 129 -21.32 5.84 -3.37
C ASP B 129 -20.67 4.45 -3.37
N LEU B 130 -21.02 3.63 -2.39
CA LEU B 130 -20.44 2.29 -2.30
C LEU B 130 -20.82 1.46 -3.52
N SER B 131 -22.11 1.43 -3.87
CA SER B 131 -22.54 0.58 -4.97
C SER B 131 -21.91 0.99 -6.29
N ASN B 132 -21.64 2.29 -6.48
CA ASN B 132 -21.07 2.75 -7.74
C ASN B 132 -19.59 2.40 -7.86
N TRP B 133 -18.86 2.36 -6.74
CA TRP B 133 -17.41 2.21 -6.77
C TRP B 133 -16.93 0.88 -6.23
N ALA B 134 -17.71 0.20 -5.39
CA ALA B 134 -17.36 -1.14 -4.90
C ALA B 134 -17.74 -2.16 -5.97
N ARG B 135 -17.05 -2.05 -7.11
CA ARG B 135 -17.25 -2.94 -8.24
C ARG B 135 -15.95 -3.08 -9.01
N PHE B 136 -15.72 -4.27 -9.56
CA PHE B 136 -14.56 -4.49 -10.40
C PHE B 136 -14.79 -5.76 -11.23
N VAL B 137 -13.99 -5.90 -12.27
CA VAL B 137 -14.10 -7.01 -13.22
C VAL B 137 -12.82 -7.83 -13.14
N LEU B 138 -12.96 -9.12 -12.85
CA LEU B 138 -11.83 -10.03 -12.79
C LEU B 138 -11.77 -10.85 -14.08
N VAL B 139 -10.58 -10.93 -14.68
CA VAL B 139 -10.38 -11.64 -15.94
C VAL B 139 -9.41 -12.78 -15.70
N LEU B 140 -9.87 -14.02 -15.95
CA LEU B 140 -9.04 -15.20 -15.80
C LEU B 140 -8.69 -15.72 -17.18
N PHE B 141 -7.42 -16.09 -17.36
CA PHE B 141 -6.92 -16.58 -18.63
C PHE B 141 -5.69 -17.42 -18.35
N PRO B 142 -5.34 -18.35 -19.23
CA PRO B 142 -4.24 -19.29 -18.92
C PRO B 142 -2.92 -18.57 -18.80
N GLU B 143 -2.03 -19.15 -17.98
CA GLU B 143 -0.68 -18.62 -17.87
C GLU B 143 0.15 -18.84 -19.12
N SER B 144 -0.31 -19.70 -20.04
CA SER B 144 0.40 -19.91 -21.29
C SER B 144 0.49 -18.62 -22.10
N PHE B 145 -0.49 -17.73 -21.93
CA PHE B 145 -0.49 -16.46 -22.66
C PHE B 145 0.56 -15.54 -22.08
N GLU B 146 1.56 -15.17 -22.88
CA GLU B 146 2.56 -14.18 -22.48
C GLU B 146 2.08 -12.81 -22.91
N GLU B 147 2.15 -11.85 -22.00
CA GLU B 147 1.60 -10.52 -22.27
C GLU B 147 2.50 -9.74 -23.23
N ASP B 148 1.91 -9.18 -24.28
CA ASP B 148 2.62 -8.37 -25.24
C ASP B 148 2.45 -6.89 -24.91
N ALA B 149 2.87 -6.02 -25.84
CA ALA B 149 2.85 -4.59 -25.59
C ALA B 149 1.45 -4.05 -25.31
N PHE B 150 0.45 -4.55 -26.03
CA PHE B 150 -0.89 -4.01 -25.88
C PHE B 150 -1.46 -4.33 -24.50
N THR B 151 -1.48 -5.62 -24.13
CA THR B 151 -2.04 -6.00 -22.84
C THR B 151 -1.31 -5.34 -21.69
N PHE B 152 -0.03 -5.01 -21.88
CA PHE B 152 0.68 -4.24 -20.88
C PHE B 152 0.07 -2.85 -20.74
N TRP B 153 -0.09 -2.15 -21.86
CA TRP B 153 -0.64 -0.80 -21.83
C TRP B 153 -2.14 -0.79 -21.63
N LEU B 154 -2.84 -1.88 -21.98
CA LEU B 154 -4.25 -1.97 -21.65
C LEU B 154 -4.45 -2.08 -20.15
N ASN B 155 -3.59 -2.88 -19.48
CA ASN B 155 -3.68 -2.98 -18.03
C ASN B 155 -3.12 -1.72 -17.36
N HIS B 156 -2.06 -1.14 -17.94
CA HIS B 156 -1.52 0.11 -17.41
C HIS B 156 -2.58 1.20 -17.42
N GLY B 157 -3.33 1.32 -18.53
CA GLY B 157 -4.31 2.37 -18.63
C GLY B 157 -5.66 2.05 -18.00
N ASP B 158 -6.06 0.78 -18.00
CA ASP B 158 -7.37 0.38 -17.53
C ASP B 158 -7.34 -0.45 -16.25
N GLY B 159 -6.16 -0.80 -15.75
CA GLY B 159 -6.10 -1.53 -14.50
C GLY B 159 -6.66 -0.70 -13.35
N ILE B 160 -7.29 -1.41 -12.40
CA ILE B 160 -7.81 -0.74 -11.23
C ILE B 160 -6.68 -0.02 -10.50
N SER B 161 -6.96 1.20 -10.04
CA SER B 161 -5.97 1.96 -9.30
C SER B 161 -5.69 1.31 -7.95
N ASN B 162 -4.51 1.64 -7.39
CA ASN B 162 -4.13 1.08 -6.10
C ASN B 162 -5.16 1.39 -5.02
N ARG B 163 -5.55 2.66 -4.91
CA ARG B 163 -6.54 3.05 -3.92
C ARG B 163 -7.88 2.37 -4.17
N HIS B 164 -8.30 2.29 -5.44
CA HIS B 164 -9.54 1.59 -5.77
C HIS B 164 -9.45 0.11 -5.41
N ALA B 165 -8.29 -0.51 -5.65
CA ALA B 165 -8.12 -1.92 -5.30
C ALA B 165 -8.21 -2.12 -3.80
N GLU B 166 -7.60 -1.24 -3.01
CA GLU B 166 -7.66 -1.37 -1.57
C GLU B 166 -9.07 -1.12 -1.04
N PHE B 167 -9.79 -0.19 -1.67
CA PHE B 167 -11.18 0.07 -1.30
C PHE B 167 -12.04 -1.17 -1.54
N CYS B 168 -11.87 -1.83 -2.69
CA CYS B 168 -12.64 -3.02 -2.99
C CYS B 168 -12.29 -4.16 -2.04
N ASN B 169 -11.00 -4.33 -1.74
CA ASN B 169 -10.60 -5.45 -0.88
C ASN B 169 -11.18 -5.31 0.51
N ASN B 170 -11.30 -4.08 1.02
CA ASN B 170 -11.91 -3.88 2.33
C ASN B 170 -13.39 -4.22 2.32
N LEU B 171 -14.05 -4.14 1.16
CA LEU B 171 -15.46 -4.41 1.02
C LEU B 171 -15.76 -5.74 0.33
N LEU B 172 -14.73 -6.53 0.03
CA LEU B 172 -14.94 -7.73 -0.78
C LEU B 172 -15.93 -8.70 -0.14
N ASP B 173 -15.99 -8.75 1.19
CA ASP B 173 -16.93 -9.63 1.86
C ASP B 173 -18.38 -9.22 1.62
N PHE B 174 -18.62 -7.96 1.30
CA PHE B 174 -19.95 -7.46 1.01
C PHE B 174 -20.33 -7.56 -0.46
N MET B 175 -19.46 -8.13 -1.29
CA MET B 175 -19.66 -8.17 -2.74
C MET B 175 -19.98 -9.59 -3.19
N ASP B 176 -20.74 -9.69 -4.28
CA ASP B 176 -21.05 -10.95 -4.93
C ASP B 176 -20.38 -11.00 -6.30
N SER B 177 -20.27 -12.20 -6.84
CA SER B 177 -19.64 -12.42 -8.14
C SER B 177 -20.58 -13.19 -9.04
N ARG B 178 -20.77 -12.69 -10.26
CA ARG B 178 -21.56 -13.37 -11.28
C ARG B 178 -20.75 -13.45 -12.56
N CYS B 179 -21.03 -14.48 -13.35
CA CYS B 179 -20.40 -14.65 -14.65
C CYS B 179 -21.45 -15.04 -15.67
N ASP B 180 -21.28 -14.53 -16.90
CA ASP B 180 -22.22 -14.85 -17.97
C ASP B 180 -22.10 -16.31 -18.39
N GLU B 181 -20.87 -16.79 -18.56
CA GLU B 181 -20.63 -18.20 -18.83
C GLU B 181 -21.15 -19.05 -17.67
N ASP B 182 -21.38 -20.33 -17.96
CA ASP B 182 -21.94 -21.25 -16.97
C ASP B 182 -20.80 -21.92 -16.21
N GLU B 183 -20.20 -21.16 -15.31
CA GLU B 183 -19.22 -21.69 -14.36
C GLU B 183 -19.76 -21.46 -12.95
N PRO B 184 -20.23 -22.49 -12.26
CA PRO B 184 -20.82 -22.27 -10.93
C PRO B 184 -19.81 -21.79 -9.90
N ASP B 185 -18.52 -22.10 -10.09
CA ASP B 185 -17.50 -21.59 -9.18
C ASP B 185 -17.41 -20.08 -9.19
N TYR B 186 -17.90 -19.43 -10.25
CA TYR B 186 -17.83 -17.98 -10.38
C TYR B 186 -19.12 -17.28 -9.94
N GLN B 187 -20.10 -18.03 -9.44
CA GLN B 187 -21.35 -17.46 -8.94
C GLN B 187 -21.32 -17.59 -7.43
N THR B 188 -20.82 -16.56 -6.76
CA THR B 188 -20.59 -16.59 -5.32
C THR B 188 -21.34 -15.46 -4.64
N CYS B 189 -21.79 -15.73 -3.42
CA CYS B 189 -22.42 -14.72 -2.56
C CYS B 189 -21.45 -14.33 -1.45
N GLY B 190 -21.29 -13.03 -1.25
CA GLY B 190 -20.38 -12.55 -0.23
C GLY B 190 -20.83 -12.95 1.16
N PRO B 191 -19.89 -13.29 2.02
CA PRO B 191 -20.25 -13.67 3.40
C PRO B 191 -21.04 -12.62 4.13
N ARG B 192 -20.80 -11.34 3.86
CA ARG B 192 -21.48 -10.24 4.53
C ARG B 192 -22.39 -9.45 3.59
N SER B 193 -22.73 -10.01 2.44
CA SER B 193 -23.59 -9.31 1.48
C SER B 193 -24.91 -8.91 2.12
N GLY B 194 -25.28 -7.64 1.97
CA GLY B 194 -26.48 -7.08 2.54
C GLY B 194 -26.25 -6.36 3.85
N ASP B 195 -25.22 -6.72 4.60
CA ASP B 195 -24.93 -6.08 5.87
C ASP B 195 -24.31 -4.70 5.66
N LYS B 196 -24.30 -3.91 6.73
CA LYS B 196 -23.71 -2.60 6.51
C LYS B 196 -22.22 -2.65 6.82
N PRO B 197 -21.40 -2.03 5.98
CA PRO B 197 -19.95 -2.00 6.26
C PRO B 197 -19.67 -1.23 7.54
N ALA B 198 -18.60 -1.65 8.22
CA ALA B 198 -18.20 -0.95 9.43
C ALA B 198 -17.73 0.47 9.13
N GLY B 199 -17.26 0.75 7.92
CA GLY B 199 -16.75 2.08 7.63
C GLY B 199 -17.21 2.64 6.31
N LEU B 200 -17.53 3.92 6.35
CA LEU B 200 -17.87 4.77 5.21
C LEU B 200 -16.59 5.50 4.74
N PRO B 201 -16.34 5.64 3.43
CA PRO B 201 -15.13 6.35 3.00
C PRO B 201 -15.20 7.83 3.39
N THR B 202 -14.02 8.45 3.50
CA THR B 202 -13.95 9.85 3.87
C THR B 202 -14.38 10.77 2.75
N TRP B 203 -14.25 10.34 1.50
CA TRP B 203 -14.74 11.16 0.40
C TRP B 203 -16.25 11.00 0.24
N THR B 204 -16.87 11.99 -0.39
CA THR B 204 -18.32 12.03 -0.56
C THR B 204 -18.67 12.38 -2.01
N ASN B 205 -19.86 11.95 -2.42
CA ASN B 205 -20.43 12.28 -3.73
C ASN B 205 -19.48 11.91 -4.86
N SER B 206 -18.93 10.71 -4.79
CA SER B 206 -18.02 10.18 -5.81
C SER B 206 -16.82 11.09 -6.05
N GLY B 207 -16.47 11.92 -5.07
CA GLY B 207 -15.41 12.89 -5.25
C GLY B 207 -15.68 13.92 -6.33
N LEU B 208 -16.95 14.21 -6.60
CA LEU B 208 -17.28 15.19 -7.63
C LEU B 208 -16.79 16.58 -7.26
N GLU B 209 -16.79 16.92 -5.97
CA GLU B 209 -16.22 18.19 -5.53
C GLU B 209 -14.76 18.30 -5.92
N GLU B 210 -13.99 17.24 -5.64
CA GLU B 210 -12.57 17.24 -5.96
C GLU B 210 -12.34 17.16 -7.47
N LYS B 211 -13.22 16.46 -8.19
CA LYS B 211 -13.09 16.37 -9.64
C LYS B 211 -13.28 17.74 -10.29
N MET B 212 -14.19 18.56 -9.74
CA MET B 212 -14.40 19.88 -10.31
C MET B 212 -13.20 20.78 -10.06
N VAL B 213 -12.54 20.63 -8.91
CA VAL B 213 -11.29 21.35 -8.67
C VAL B 213 -10.26 20.98 -9.73
N ILE B 214 -10.13 19.68 -10.00
CA ILE B 214 -9.20 19.20 -11.02
C ILE B 214 -9.54 19.83 -12.37
N LYS B 215 -10.80 19.72 -12.79
CA LYS B 215 -11.21 20.26 -14.09
C LYS B 215 -11.02 21.77 -14.15
N SER B 216 -11.24 22.47 -13.03
CA SER B 216 -11.09 23.91 -13.00
C SER B 216 -9.64 24.32 -13.20
N VAL B 217 -8.72 23.65 -12.50
CA VAL B 217 -7.29 23.96 -12.63
C VAL B 217 -6.79 23.65 -14.03
N LEU B 218 -7.20 22.50 -14.58
CA LEU B 218 -6.81 22.15 -15.94
C LEU B 218 -7.31 23.18 -16.95
N ALA B 219 -8.57 23.62 -16.78
CA ALA B 219 -9.13 24.61 -17.71
C ALA B 219 -8.38 25.93 -17.61
N LYS B 220 -8.07 26.38 -16.39
CA LYS B 220 -7.34 27.62 -16.22
C LYS B 220 -5.93 27.53 -16.80
N CYS B 221 -5.23 26.42 -16.53
CA CYS B 221 -3.84 26.33 -16.95
C CYS B 221 -3.69 26.15 -18.45
N ILE B 222 -4.75 25.74 -19.16
CA ILE B 222 -4.66 25.61 -20.61
C ILE B 222 -5.17 26.86 -21.32
N ARG B 223 -5.60 27.87 -20.58
CA ARG B 223 -6.05 29.11 -21.20
C ARG B 223 -4.93 29.67 -22.07
N SER B 224 -5.28 30.08 -23.28
CA SER B 224 -4.29 30.67 -24.18
C SER B 224 -3.95 32.09 -23.77
N GLU B 225 -2.67 32.44 -23.91
CA GLU B 225 -2.22 33.78 -23.55
C GLU B 225 -2.75 34.85 -24.50
N ASN B 226 -3.42 34.40 -25.56
CA ASN B 226 -4.03 35.19 -26.61
C ASN B 226 -5.53 35.27 -26.44
N ALA B 227 -6.06 36.48 -26.32
CA ALA B 227 -7.49 36.65 -26.07
C ALA B 227 -8.46 36.64 -27.21
N ASP B 228 -8.16 35.94 -28.28
CA ASP B 228 -9.12 35.87 -29.37
C ASP B 228 -9.85 34.54 -29.33
N MET B 229 -9.38 33.62 -28.49
CA MET B 229 -10.04 32.33 -28.37
C MET B 229 -10.99 32.19 -27.19
N LEU B 230 -12.02 31.36 -27.35
CA LEU B 230 -12.94 30.99 -26.30
C LEU B 230 -12.11 30.24 -25.26
N PRO B 231 -12.33 30.53 -23.98
CA PRO B 231 -11.56 29.83 -22.95
C PRO B 231 -12.13 28.45 -22.73
N VAL B 232 -11.25 27.52 -22.38
CA VAL B 232 -11.69 26.19 -22.00
C VAL B 232 -12.47 26.29 -20.69
N GLN B 233 -13.62 25.63 -20.63
CA GLN B 233 -14.44 25.63 -19.42
C GLN B 233 -14.25 24.32 -18.67
N SER B 234 -14.76 24.30 -17.43
CA SER B 234 -14.67 23.11 -16.60
C SER B 234 -15.24 21.88 -17.30
N ASP B 235 -16.37 22.05 -17.97
CA ASP B 235 -17.09 20.92 -18.59
C ASP B 235 -16.54 20.54 -19.96
N ASP B 236 -15.55 21.26 -20.48
CA ASP B 236 -14.82 20.80 -21.65
C ASP B 236 -13.67 19.85 -21.27
N VAL B 237 -13.50 19.60 -19.98
CA VAL B 237 -12.45 18.73 -19.47
C VAL B 237 -13.08 17.43 -19.03
N PHE B 238 -12.57 16.32 -19.53
CA PHE B 238 -13.05 14.99 -19.17
C PHE B 238 -11.96 14.25 -18.40
N LEU B 239 -12.33 13.70 -17.26
CA LEU B 239 -11.40 13.01 -16.38
C LEU B 239 -11.56 11.50 -16.52
N TYR B 240 -10.44 10.79 -16.60
CA TYR B 240 -10.42 9.35 -16.74
C TYR B 240 -9.44 8.78 -15.73
N SER B 241 -9.28 7.45 -15.75
CA SER B 241 -8.51 6.78 -14.72
C SER B 241 -7.01 7.05 -14.89
N THR B 242 -6.53 7.07 -16.13
CA THR B 242 -5.12 7.29 -16.42
C THR B 242 -5.01 8.18 -17.65
N GLY B 243 -3.79 8.65 -17.90
CA GLY B 243 -3.52 9.32 -19.16
C GLY B 243 -3.65 8.38 -20.34
N MET B 244 -3.29 7.10 -20.16
CA MET B 244 -3.44 6.12 -21.22
C MET B 244 -4.90 5.93 -21.58
N MET B 245 -5.77 5.85 -20.58
CA MET B 245 -7.20 5.71 -20.85
C MET B 245 -7.74 6.93 -21.59
N ALA B 246 -7.29 8.13 -21.19
CA ALA B 246 -7.72 9.34 -21.89
C ALA B 246 -7.32 9.27 -23.36
N ILE B 247 -6.15 8.68 -23.66
CA ILE B 247 -5.73 8.53 -25.05
C ILE B 247 -6.59 7.49 -25.76
N GLY B 248 -7.00 6.45 -25.07
CA GLY B 248 -7.81 5.47 -25.72
C GLY B 248 -9.19 5.98 -26.02
N LYS B 249 -9.76 6.73 -25.10
CA LYS B 249 -11.09 7.24 -25.30
C LYS B 249 -11.18 8.18 -26.48
N ILE B 250 -10.21 9.04 -26.62
CA ILE B 250 -10.19 9.94 -27.80
C ILE B 250 -9.94 9.17 -29.11
N ALA B 251 -9.21 8.04 -29.06
CA ALA B 251 -8.94 7.29 -30.28
C ALA B 251 -10.21 6.65 -30.84
N ARG B 252 -11.02 6.05 -29.96
CA ARG B 252 -12.29 5.47 -30.39
C ARG B 252 -13.26 6.56 -30.84
N ALA B 253 -13.23 7.71 -30.18
CA ALA B 253 -14.11 8.81 -30.59
C ALA B 253 -13.83 9.21 -32.02
N MET B 254 -12.55 9.25 -32.41
CA MET B 254 -12.20 9.56 -33.78
C MET B 254 -12.66 8.47 -34.74
N LYS B 255 -12.61 7.21 -34.30
CA LYS B 255 -12.96 6.09 -35.17
C LYS B 255 -14.43 6.08 -35.58
N ASP B 256 -15.31 6.80 -34.87
CA ASP B 256 -16.71 6.89 -35.25
C ASP B 256 -16.92 8.12 -36.11
N ASP B 261 -11.61 7.66 -41.70
CA ASP B 261 -10.36 7.52 -42.45
C ASP B 261 -9.20 7.06 -41.59
N THR B 262 -8.00 7.60 -41.86
CA THR B 262 -6.73 7.12 -41.37
C THR B 262 -6.18 8.00 -40.24
N ALA B 263 -5.38 7.39 -39.37
CA ALA B 263 -4.76 8.09 -38.25
C ALA B 263 -3.25 8.20 -38.46
N VAL B 264 -2.69 9.32 -38.04
CA VAL B 264 -1.27 9.62 -38.18
C VAL B 264 -0.65 9.75 -36.80
N ILE B 265 0.46 9.05 -36.58
CA ILE B 265 1.24 9.15 -35.36
C ILE B 265 2.51 9.92 -35.69
N PHE B 266 2.68 11.09 -35.07
CA PHE B 266 3.73 12.04 -35.43
C PHE B 266 4.69 12.23 -34.26
N GLY B 267 5.81 11.50 -34.29
CA GLY B 267 6.86 11.66 -33.30
C GLY B 267 6.40 11.58 -31.86
N TRP B 268 5.80 10.45 -31.48
CA TRP B 268 5.25 10.25 -30.14
C TRP B 268 5.73 8.90 -29.63
N LEU B 269 6.89 8.89 -28.97
CA LEU B 269 7.52 7.66 -28.52
C LEU B 269 7.06 7.18 -27.16
N TYR B 270 5.99 7.75 -26.59
CA TYR B 270 5.43 7.12 -25.40
C TYR B 270 4.84 5.78 -25.84
N SER B 271 5.58 4.70 -25.53
CA SER B 271 5.32 3.37 -26.07
C SER B 271 3.88 2.87 -25.98
N GLY B 272 3.02 3.51 -25.19
CA GLY B 272 1.66 3.01 -25.14
C GLY B 272 0.64 3.66 -26.05
N THR B 273 1.02 4.70 -26.81
CA THR B 273 0.06 5.35 -27.69
C THR B 273 -0.27 4.48 -28.89
N LEU B 274 0.77 4.02 -29.61
CA LEU B 274 0.56 3.21 -30.81
C LEU B 274 -0.25 1.95 -30.54
N PRO B 275 0.01 1.15 -29.51
CA PRO B 275 -0.86 -0.02 -29.26
C PRO B 275 -2.33 0.33 -29.07
N LEU B 276 -2.62 1.42 -28.35
CA LEU B 276 -4.02 1.74 -28.09
C LEU B 276 -4.72 2.29 -29.32
N VAL B 277 -4.01 3.10 -30.12
CA VAL B 277 -4.61 3.60 -31.37
C VAL B 277 -4.89 2.43 -32.31
N LYS B 278 -3.95 1.48 -32.38
CA LYS B 278 -4.18 0.29 -33.21
C LYS B 278 -5.36 -0.53 -32.69
N ASP B 279 -5.44 -0.70 -31.36
CA ASP B 279 -6.52 -1.49 -30.79
C ASP B 279 -7.88 -0.83 -30.98
N SER B 280 -7.90 0.50 -31.14
CA SER B 280 -9.15 1.25 -31.24
C SER B 280 -9.77 1.18 -32.63
N GLY B 281 -9.19 0.42 -33.55
CA GLY B 281 -9.73 0.21 -34.87
C GLY B 281 -8.91 0.77 -36.01
N TYR B 282 -7.79 1.44 -35.72
CA TYR B 282 -6.87 1.90 -36.77
C TYR B 282 -5.86 0.79 -36.95
N SER B 283 -6.10 -0.08 -37.90
CA SER B 283 -5.24 -1.23 -38.13
C SER B 283 -3.80 -0.86 -38.33
N LYS B 284 -3.51 0.11 -39.16
CA LYS B 284 -2.15 0.48 -39.37
C LYS B 284 -2.07 1.95 -39.59
N PRO B 285 -1.73 2.70 -38.55
CA PRO B 285 -1.65 4.14 -38.73
C PRO B 285 -0.33 4.56 -39.36
N ILE B 286 -0.40 5.67 -40.10
CA ILE B 286 0.81 6.25 -40.66
C ILE B 286 1.70 6.72 -39.53
N LEU B 287 2.89 6.14 -39.44
CA LEU B 287 3.82 6.41 -38.35
C LEU B 287 4.97 7.27 -38.87
N TYR B 288 5.08 8.48 -38.34
CA TYR B 288 6.21 9.37 -38.61
C TYR B 288 7.00 9.45 -37.30
N GLY B 289 8.09 8.68 -37.23
CA GLY B 289 8.75 8.45 -35.95
C GLY B 289 9.49 9.65 -35.40
N ARG B 290 10.07 10.48 -36.27
CA ARG B 290 10.94 11.54 -35.80
C ARG B 290 10.21 12.84 -35.53
N GLY B 291 9.08 13.09 -36.19
CA GLY B 291 8.38 14.34 -35.98
C GLY B 291 9.01 15.54 -36.65
N THR B 292 9.69 15.32 -37.78
CA THR B 292 10.45 16.37 -38.45
C THR B 292 9.61 17.06 -39.52
N GLU B 293 10.17 18.11 -40.07
CA GLU B 293 9.54 18.87 -41.08
C GLU B 293 9.54 18.08 -42.37
N GLU B 294 10.53 17.22 -42.53
CA GLU B 294 10.67 16.35 -43.65
C GLU B 294 9.53 15.36 -43.67
N GLU B 295 9.14 14.85 -42.52
CA GLU B 295 7.99 13.96 -42.40
C GLU B 295 6.68 14.70 -42.63
N LEU B 296 6.60 15.96 -42.22
CA LEU B 296 5.43 16.76 -42.55
C LEU B 296 5.31 16.97 -44.05
N ASP B 297 6.44 17.01 -44.76
CA ASP B 297 6.40 17.10 -46.21
C ASP B 297 5.75 15.86 -46.83
N LYS B 298 6.15 14.67 -46.35
CA LYS B 298 5.51 13.44 -46.80
C LYS B 298 4.01 13.46 -46.51
N LEU B 299 3.63 13.91 -45.31
CA LEU B 299 2.21 13.97 -44.96
C LEU B 299 1.46 14.93 -45.85
N GLU B 300 2.06 16.10 -46.12
CA GLU B 300 1.40 17.07 -47.00
C GLU B 300 1.32 16.54 -48.43
N SER B 301 2.38 15.90 -48.90
CA SER B 301 2.35 15.30 -50.24
C SER B 301 1.24 14.28 -50.36
N TYR B 302 1.03 13.47 -49.32
CA TYR B 302 -0.06 12.50 -49.33
C TYR B 302 -1.42 13.21 -49.32
N LEU B 303 -1.57 14.25 -48.50
CA LEU B 303 -2.85 14.95 -48.41
C LEU B 303 -3.16 15.71 -49.70
N ALA B 304 -2.16 16.38 -50.27
CA ALA B 304 -2.37 17.13 -51.51
C ALA B 304 -2.75 16.20 -52.65
N ALA B 305 -2.25 14.97 -52.64
CA ALA B 305 -2.56 14.01 -53.68
C ALA B 305 -3.94 13.39 -53.54
N GLY B 306 -4.72 13.78 -52.53
CA GLY B 306 -6.05 13.24 -52.31
C GLY B 306 -6.16 12.32 -51.11
N GLY B 307 -5.03 11.94 -50.51
CA GLY B 307 -5.10 11.15 -49.29
C GLY B 307 -5.91 11.84 -48.23
N LYS B 308 -6.59 11.03 -47.42
CA LYS B 308 -7.41 11.53 -46.33
C LYS B 308 -6.85 11.10 -44.99
N CYS B 309 -7.11 11.91 -43.97
CA CYS B 309 -6.67 11.66 -42.60
C CYS B 309 -7.75 12.11 -41.65
N THR B 310 -8.07 11.28 -40.66
CA THR B 310 -9.07 11.64 -39.67
C THR B 310 -8.47 12.34 -38.47
N VAL B 311 -7.33 11.86 -37.97
CA VAL B 311 -6.76 12.36 -36.73
C VAL B 311 -5.24 12.23 -36.77
N LEU B 312 -4.56 13.19 -36.18
CA LEU B 312 -3.12 13.17 -36.01
C LEU B 312 -2.80 13.20 -34.52
N PHE B 313 -2.00 12.23 -34.06
CA PHE B 313 -1.56 12.18 -32.67
C PHE B 313 -0.12 12.64 -32.57
N THR B 314 0.14 13.58 -31.66
CA THR B 314 1.49 14.03 -31.38
C THR B 314 1.55 14.50 -29.93
N GLU B 315 2.77 14.63 -29.44
CA GLU B 315 3.01 15.11 -28.10
C GLU B 315 3.94 16.29 -28.13
N ILE B 316 3.67 17.30 -27.34
CA ILE B 316 4.49 18.47 -27.31
C ILE B 316 5.41 18.39 -26.16
N THR B 317 6.65 18.32 -26.59
CA THR B 317 7.89 18.08 -25.91
C THR B 317 7.92 16.60 -25.80
N SER B 318 8.72 16.02 -26.66
CA SER B 318 8.86 14.61 -26.80
C SER B 318 9.75 13.95 -25.79
N ASN B 319 9.62 12.65 -25.73
CA ASN B 319 10.36 11.79 -24.81
C ASN B 319 11.21 10.81 -25.62
N PRO B 320 12.52 10.72 -25.36
CA PRO B 320 13.34 11.49 -24.41
C PRO B 320 14.19 12.57 -25.06
N GLN B 321 13.94 12.95 -26.32
CA GLN B 321 14.81 13.90 -26.99
C GLN B 321 14.34 15.34 -26.86
N LEU B 322 13.22 15.58 -26.18
CA LEU B 322 12.72 16.92 -25.89
C LEU B 322 12.49 17.73 -27.17
N HIS B 323 12.04 17.04 -28.21
CA HIS B 323 11.75 17.67 -29.48
C HIS B 323 10.40 18.36 -29.44
N SER B 324 10.28 19.46 -30.16
CA SER B 324 9.01 20.17 -30.28
C SER B 324 8.47 20.03 -31.69
N PRO B 325 7.30 19.45 -31.88
CA PRO B 325 6.72 19.38 -33.23
C PRO B 325 6.23 20.75 -33.68
N ASN B 326 6.16 20.92 -34.99
CA ASN B 326 5.70 22.17 -35.60
C ASN B 326 4.17 22.17 -35.55
N LEU B 327 3.62 22.65 -34.42
CA LEU B 327 2.18 22.66 -34.26
C LEU B 327 1.50 23.65 -35.19
N VAL B 328 2.15 24.79 -35.48
CA VAL B 328 1.56 25.78 -36.38
C VAL B 328 1.33 25.16 -37.76
N ARG B 329 2.34 24.49 -38.31
CA ARG B 329 2.18 23.85 -39.60
C ARG B 329 1.17 22.70 -39.53
N ILE B 330 1.21 21.91 -38.46
CA ILE B 330 0.25 20.83 -38.28
C ILE B 330 -1.18 21.38 -38.30
N LYS B 331 -1.41 22.46 -37.53
CA LYS B 331 -2.74 23.05 -37.48
C LYS B 331 -3.15 23.62 -38.83
N ASN B 332 -2.19 24.14 -39.61
CA ASN B 332 -2.52 24.66 -40.93
C ASN B 332 -2.92 23.53 -41.88
N LEU B 333 -2.16 22.42 -41.86
CA LEU B 333 -2.56 21.26 -42.66
C LEU B 333 -3.91 20.73 -42.21
N ALA B 334 -4.17 20.73 -40.89
CA ALA B 334 -5.44 20.24 -40.38
C ALA B 334 -6.60 21.10 -40.88
N ASP B 335 -6.42 22.42 -40.89
CA ASP B 335 -7.47 23.31 -41.39
C ASP B 335 -7.68 23.15 -42.89
N GLU B 336 -6.61 22.82 -43.62
CA GLU B 336 -6.70 22.67 -45.06
C GLU B 336 -7.33 21.34 -45.44
N TYR B 337 -6.86 20.24 -44.82
CA TYR B 337 -7.24 18.89 -45.22
C TYR B 337 -8.25 18.23 -44.28
N GLY B 338 -8.61 18.88 -43.18
CA GLY B 338 -9.72 18.43 -42.37
C GLY B 338 -9.52 17.23 -41.48
N PHE B 339 -8.43 17.19 -40.71
CA PHE B 339 -8.27 16.18 -39.67
C PHE B 339 -8.18 16.83 -38.30
N THR B 340 -8.38 16.01 -37.27
CA THR B 340 -8.35 16.47 -35.89
C THR B 340 -6.95 16.29 -35.32
N VAL B 341 -6.53 17.25 -34.50
CA VAL B 341 -5.19 17.25 -33.91
C VAL B 341 -5.32 16.93 -32.42
N VAL B 342 -4.66 15.86 -31.99
CA VAL B 342 -4.60 15.46 -30.58
C VAL B 342 -3.17 15.68 -30.10
N VAL B 343 -3.00 16.52 -29.09
CA VAL B 343 -1.69 16.88 -28.58
C VAL B 343 -1.61 16.51 -27.10
N ASP B 344 -0.59 15.74 -26.75
CA ASP B 344 -0.30 15.41 -25.36
C ASP B 344 0.69 16.42 -24.80
N ASP B 345 0.31 17.09 -23.71
CA ASP B 345 1.15 18.10 -23.09
C ASP B 345 1.67 17.65 -21.72
N THR B 346 1.74 16.35 -21.52
CA THR B 346 2.20 15.78 -20.25
C THR B 346 3.63 16.22 -19.90
N ILE B 347 4.50 16.18 -20.91
CA ILE B 347 5.90 16.55 -20.72
C ILE B 347 6.12 18.05 -20.86
N GLY B 348 5.55 18.64 -21.91
CA GLY B 348 5.71 20.03 -22.14
C GLY B 348 5.05 20.93 -21.16
N THR B 349 3.91 20.51 -20.65
CA THR B 349 3.09 21.25 -19.69
C THR B 349 2.36 22.44 -20.18
N SER B 350 1.16 22.51 -19.74
CA SER B 350 0.29 23.63 -20.04
C SER B 350 0.70 24.89 -19.27
N VAL B 351 1.46 24.73 -18.20
CA VAL B 351 2.02 25.88 -17.50
C VAL B 351 3.05 26.59 -18.36
N ASN B 352 3.92 25.82 -19.02
CA ASN B 352 5.00 26.40 -19.80
C ASN B 352 4.63 26.71 -21.24
N LEU B 353 3.61 26.03 -21.78
CA LEU B 353 3.31 26.10 -23.21
C LEU B 353 1.87 26.51 -23.44
N ASP B 354 1.66 27.28 -24.50
CA ASP B 354 0.33 27.70 -24.95
C ASP B 354 0.08 27.02 -26.30
N ILE B 355 -0.54 25.85 -26.25
CA ILE B 355 -0.79 25.04 -27.44
C ILE B 355 -2.25 24.97 -27.81
N LEU B 356 -3.13 25.58 -27.02
CA LEU B 356 -4.56 25.57 -27.36
C LEU B 356 -4.88 26.08 -28.77
N PRO B 357 -4.19 27.09 -29.32
CA PRO B 357 -4.51 27.50 -30.69
C PRO B 357 -4.31 26.43 -31.75
N TYR B 358 -3.52 25.39 -31.47
CA TYR B 358 -3.15 24.43 -32.49
C TYR B 358 -3.71 23.03 -32.28
N ALA B 359 -4.41 22.79 -31.18
CA ALA B 359 -4.89 21.44 -30.85
C ALA B 359 -6.41 21.44 -30.77
N ASP B 360 -7.02 20.38 -31.32
CA ASP B 360 -8.45 20.19 -31.11
C ASP B 360 -8.73 19.51 -29.79
N VAL B 361 -7.87 18.56 -29.40
CA VAL B 361 -7.98 17.86 -28.12
C VAL B 361 -6.60 17.83 -27.49
N VAL B 362 -6.53 18.19 -26.21
CA VAL B 362 -5.31 18.09 -25.43
C VAL B 362 -5.49 16.96 -24.42
N THR B 363 -4.50 16.08 -24.34
CA THR B 363 -4.48 14.99 -23.37
C THR B 363 -3.34 15.20 -22.39
N THR B 364 -3.55 14.77 -21.15
CA THR B 364 -2.57 14.97 -20.10
C THR B 364 -2.62 13.80 -19.14
N SER B 365 -1.44 13.33 -18.75
CA SER B 365 -1.32 12.30 -17.71
C SER B 365 -1.21 13.02 -16.37
N LEU B 366 -2.32 13.06 -15.63
CA LEU B 366 -2.33 13.70 -14.32
C LEU B 366 -1.46 12.96 -13.32
N THR B 367 -1.13 11.69 -13.58
CA THR B 367 -0.24 10.93 -12.72
C THR B 367 1.13 11.58 -12.61
N ILE B 369 3.58 15.25 -13.42
CA ILE B 369 3.89 16.44 -12.64
C ILE B 369 2.64 17.19 -12.21
N PHE B 370 1.50 16.97 -12.89
CA PHE B 370 0.24 17.52 -12.40
C PHE B 370 0.00 17.14 -10.96
N ASN B 371 0.38 15.92 -10.57
CA ASN B 371 0.29 15.45 -9.20
C ASN B 371 1.61 15.55 -8.44
N GLY B 372 2.70 15.13 -9.07
CA GLY B 372 4.03 15.27 -8.49
C GLY B 372 4.39 14.26 -7.41
N ALA B 373 3.41 13.77 -6.66
CA ALA B 373 3.69 13.00 -5.46
C ALA B 373 3.74 11.50 -5.70
N CYS B 374 3.53 11.04 -6.93
CA CYS B 374 3.62 9.63 -7.30
C CYS B 374 2.75 8.74 -6.42
N ASN B 375 1.54 9.21 -6.10
CA ASN B 375 0.68 8.45 -5.21
C ASN B 375 -0.78 8.51 -5.65
N ALA B 376 -1.02 8.74 -6.94
CA ALA B 376 -2.38 8.78 -7.49
C ALA B 376 -2.29 8.72 -9.01
N MET B 377 -3.36 8.21 -9.63
CA MET B 377 -3.46 8.13 -11.08
C MET B 377 -4.60 9.01 -11.55
N GLY B 378 -4.44 9.57 -12.74
CA GLY B 378 -5.46 10.36 -13.35
C GLY B 378 -5.11 10.72 -14.77
N GLY B 379 -6.11 10.89 -15.61
CA GLY B 379 -5.91 11.36 -16.97
C GLY B 379 -7.01 12.33 -17.34
N SER B 380 -6.67 13.25 -18.22
CA SER B 380 -7.59 14.33 -18.56
C SER B 380 -7.67 14.46 -20.07
N LEU B 381 -8.83 14.93 -20.52
CA LEU B 381 -9.13 15.11 -21.93
C LEU B 381 -9.80 16.47 -22.08
N ILE B 382 -9.13 17.40 -22.75
CA ILE B 382 -9.63 18.76 -22.93
C ILE B 382 -10.06 18.92 -24.37
N VAL B 383 -11.34 19.24 -24.57
CA VAL B 383 -11.88 19.49 -25.90
C VAL B 383 -11.88 21.00 -26.11
N ASN B 384 -11.16 21.44 -27.15
CA ASN B 384 -11.00 22.86 -27.40
C ASN B 384 -12.31 23.46 -27.91
N PRO B 385 -12.91 24.41 -27.20
CA PRO B 385 -14.14 25.05 -27.71
C PRO B 385 -13.92 25.83 -29.00
N ASN B 386 -12.67 26.14 -29.33
CA ASN B 386 -12.35 26.83 -30.58
C ASN B 386 -12.18 25.88 -31.75
N SER B 387 -12.35 24.57 -31.53
CA SER B 387 -12.16 23.60 -32.59
C SER B 387 -13.38 23.51 -33.48
N ARG B 388 -13.15 23.30 -34.79
CA ARG B 388 -14.23 23.08 -35.73
C ARG B 388 -14.99 21.79 -35.44
N HIS B 389 -14.39 20.87 -34.68
CA HIS B 389 -15.01 19.60 -34.34
C HIS B 389 -15.41 19.55 -32.87
N TYR B 390 -15.51 20.71 -32.22
CA TYR B 390 -15.90 20.73 -30.82
C TYR B 390 -17.26 20.04 -30.62
N ARG B 391 -18.24 20.39 -31.43
CA ARG B 391 -19.53 19.81 -31.24
C ARG B 391 -19.56 18.33 -31.34
N ARG B 392 -18.95 17.80 -32.38
CA ARG B 392 -18.94 16.37 -32.59
C ARG B 392 -18.11 15.62 -31.59
N ILE B 393 -16.97 16.17 -31.24
CA ILE B 393 -16.12 15.52 -30.30
C ILE B 393 -16.68 15.56 -28.91
N HIS B 394 -17.15 16.70 -28.46
CA HIS B 394 -17.68 16.78 -27.11
C HIS B 394 -18.89 15.87 -26.95
N THR B 395 -19.78 15.87 -27.94
CA THR B 395 -21.01 15.07 -27.84
C THR B 395 -20.71 13.59 -27.73
N TYR B 396 -19.72 13.09 -28.48
CA TYR B 396 -19.34 11.69 -28.36
C TYR B 396 -18.81 11.40 -26.96
N LEU B 397 -17.87 12.22 -26.48
CA LEU B 397 -17.28 11.97 -25.17
C LEU B 397 -18.31 12.09 -24.06
N GLN B 398 -19.21 13.08 -24.16
CA GLN B 398 -20.25 13.22 -23.15
C GLN B 398 -21.26 12.07 -23.24
N GLY B 399 -21.65 11.68 -24.45
CA GLY B 399 -22.61 10.60 -24.60
C GLY B 399 -22.06 9.23 -24.23
N HIS B 400 -20.74 9.08 -24.17
CA HIS B 400 -20.11 7.82 -23.83
C HIS B 400 -19.34 7.88 -22.52
N PHE B 401 -19.59 8.89 -21.69
CA PHE B 401 -18.80 9.11 -20.49
C PHE B 401 -19.37 8.31 -19.32
N GLU B 402 -18.57 7.40 -18.76
CA GLU B 402 -18.80 6.90 -17.41
C GLU B 402 -17.54 7.18 -16.57
N ASP B 403 -17.78 7.67 -15.36
CA ASP B 403 -16.75 8.10 -14.41
C ASP B 403 -15.96 6.91 -13.90
N LEU B 404 -14.68 6.80 -14.29
CA LEU B 404 -13.82 5.72 -13.81
C LEU B 404 -12.65 6.24 -12.99
N LEU B 405 -12.60 7.53 -12.68
CA LEU B 405 -11.57 8.06 -11.79
C LEU B 405 -12.02 7.85 -10.35
N PHE B 406 -11.40 6.90 -9.68
CA PHE B 406 -11.80 6.56 -8.32
C PHE B 406 -11.68 7.79 -7.41
N PRO B 407 -12.70 8.09 -6.59
CA PRO B 407 -12.70 9.33 -5.81
C PRO B 407 -11.44 9.58 -4.97
N ALA B 408 -10.93 8.54 -4.28
CA ALA B 408 -9.74 8.75 -3.46
C ALA B 408 -8.57 9.26 -4.29
N ASP B 409 -8.44 8.78 -5.52
CA ASP B 409 -7.41 9.31 -6.41
C ASP B 409 -7.68 10.77 -6.74
N ALA B 410 -8.93 11.13 -6.98
CA ALA B 410 -9.26 12.52 -7.31
C ALA B 410 -9.04 13.45 -6.12
N VAL B 411 -9.17 12.94 -4.89
CA VAL B 411 -8.93 13.77 -3.72
C VAL B 411 -7.46 14.18 -3.65
N VAL B 412 -6.56 13.23 -3.87
CA VAL B 412 -5.13 13.54 -3.85
C VAL B 412 -4.76 14.45 -5.02
N LEU B 413 -5.30 14.17 -6.21
CA LEU B 413 -5.03 15.00 -7.37
C LEU B 413 -5.51 16.44 -7.18
N SER B 414 -6.70 16.61 -6.61
CA SER B 414 -7.24 17.94 -6.38
C SER B 414 -6.41 18.71 -5.36
N GLU B 415 -5.83 18.02 -4.39
CA GLU B 415 -4.99 18.69 -3.40
C GLU B 415 -3.64 19.07 -4.01
N ASN B 416 -3.00 18.13 -4.72
CA ASN B 416 -1.64 18.34 -5.21
C ASN B 416 -1.58 19.24 -6.43
N CYS B 417 -2.68 19.41 -7.16
CA CYS B 417 -2.65 20.24 -8.35
C CYS B 417 -2.80 21.73 -8.04
N ILE B 418 -3.11 22.08 -6.79
CA ILE B 418 -3.28 23.48 -6.42
C ILE B 418 -1.99 24.26 -6.65
N ASP B 419 -0.83 23.62 -6.47
CA ASP B 419 0.45 24.25 -6.73
C ASP B 419 1.17 23.59 -7.91
N TYR B 420 0.39 23.03 -8.84
CA TYR B 420 0.98 22.47 -10.06
C TYR B 420 1.68 23.52 -10.91
N PRO B 421 1.15 24.73 -11.10
CA PRO B 421 1.95 25.76 -11.79
C PRO B 421 3.29 26.04 -11.12
N GLU B 422 3.29 26.25 -9.80
CA GLU B 422 4.52 26.60 -9.10
C GLU B 422 5.57 25.48 -9.19
N ARG B 423 5.13 24.23 -9.08
CA ARG B 423 6.09 23.12 -9.11
C ARG B 423 6.69 22.93 -10.50
N VAL B 424 5.90 23.16 -11.55
CA VAL B 424 6.45 23.14 -12.91
C VAL B 424 7.49 24.25 -13.06
N LYS B 425 7.15 25.45 -12.57
CA LYS B 425 8.09 26.57 -12.66
C LYS B 425 9.39 26.26 -11.93
N ARG B 426 9.30 25.65 -10.74
CA ARG B 426 10.49 25.36 -9.97
C ARG B 426 11.34 24.27 -10.64
N CYS B 427 10.72 23.13 -10.96
CA CYS B 427 11.45 22.05 -11.62
C CYS B 427 12.09 22.53 -12.91
N SER B 428 11.36 23.33 -13.71
CA SER B 428 11.91 23.82 -14.97
C SER B 428 13.13 24.70 -14.75
N ALA B 429 13.12 25.52 -13.69
CA ALA B 429 14.28 26.35 -13.38
C ALA B 429 15.50 25.50 -13.05
N THR B 430 15.32 24.48 -12.20
CA THR B 430 16.42 23.58 -11.87
C THR B 430 16.86 22.78 -13.10
N ALA B 431 15.90 22.27 -13.89
CA ALA B 431 16.25 21.44 -15.03
C ALA B 431 17.03 22.24 -16.07
N ARG B 432 16.68 23.50 -16.26
CA ARG B 432 17.43 24.35 -17.18
C ARG B 432 18.85 24.56 -16.68
N ALA B 433 19.03 24.80 -15.37
CA ALA B 433 20.36 24.98 -14.82
C ALA B 433 21.17 23.69 -14.87
N ILE B 434 20.56 22.56 -14.50
CA ILE B 434 21.29 21.30 -14.49
C ILE B 434 21.67 20.89 -15.91
N ALA B 435 20.78 21.12 -16.88
CA ALA B 435 21.09 20.78 -18.27
C ALA B 435 22.31 21.57 -18.76
N HIS B 436 22.35 22.88 -18.47
CA HIS B 436 23.50 23.67 -18.89
C HIS B 436 24.76 23.28 -18.13
N PHE B 437 24.61 22.87 -16.86
CA PHE B 437 25.75 22.31 -16.12
C PHE B 437 26.24 21.02 -16.78
N LEU B 438 25.32 20.14 -17.15
CA LEU B 438 25.70 18.88 -17.79
C LEU B 438 26.34 19.13 -19.16
N ALA B 439 25.79 20.08 -19.91
CA ALA B 439 26.31 20.35 -21.26
C ALA B 439 27.77 20.76 -21.22
N ALA B 440 28.18 21.52 -20.20
CA ALA B 440 29.55 21.98 -20.05
C ALA B 440 30.50 20.89 -19.55
N HIS B 441 30.04 19.66 -19.36
CA HIS B 441 31.00 18.71 -18.82
C HIS B 441 31.70 17.97 -19.96
N PRO B 442 33.02 17.77 -19.83
CA PRO B 442 33.77 17.15 -20.95
C PRO B 442 33.31 15.75 -21.32
N SER B 443 32.72 15.00 -20.40
CA SER B 443 32.27 13.65 -20.70
C SER B 443 30.95 13.62 -21.46
N ILE B 444 30.23 14.72 -21.54
CA ILE B 444 28.92 14.76 -22.17
C ILE B 444 29.07 15.19 -23.62
N ASP B 445 28.59 14.37 -24.54
CA ASP B 445 28.49 14.77 -25.94
C ASP B 445 27.53 15.94 -26.09
N TYR B 446 26.25 15.72 -25.76
CA TYR B 446 25.27 16.79 -25.79
C TYR B 446 24.11 16.43 -24.87
N VAL B 447 23.33 17.44 -24.52
CA VAL B 447 22.19 17.30 -23.63
C VAL B 447 20.92 17.65 -24.41
N ASN B 448 19.91 16.79 -24.32
CA ASN B 448 18.61 17.05 -24.93
C ASN B 448 17.74 17.80 -23.92
N TYR B 449 17.53 19.09 -24.12
CA TYR B 449 16.70 19.98 -23.32
C TYR B 449 16.21 21.05 -24.30
N PRO B 450 14.97 21.54 -24.17
CA PRO B 450 14.42 22.43 -25.20
C PRO B 450 15.22 23.70 -25.41
N THR B 451 16.18 24.02 -24.55
CA THR B 451 17.01 25.21 -24.78
C THR B 451 18.25 24.88 -25.58
N LEU B 452 18.54 23.61 -25.71
CA LEU B 452 19.73 23.23 -26.45
C LEU B 452 19.46 22.52 -27.77
N VAL B 453 18.35 21.80 -27.90
CA VAL B 453 18.04 20.92 -29.03
C VAL B 453 17.83 21.74 -30.31
N PRO B 454 17.88 21.12 -31.49
CA PRO B 454 17.69 21.90 -32.74
C PRO B 454 16.31 22.54 -32.90
N SER B 455 15.27 22.01 -32.25
CA SER B 455 13.97 22.66 -32.27
C SER B 455 13.95 23.82 -31.31
N ARG B 456 15.09 24.34 -30.89
CA ARG B 456 15.09 25.42 -29.91
C ARG B 456 14.22 26.57 -30.32
N GLU B 457 14.25 26.90 -31.58
CA GLU B 457 13.38 27.99 -32.06
C GLU B 457 11.89 27.62 -32.07
N GLU B 458 11.56 26.34 -32.28
CA GLU B 458 10.15 25.92 -32.30
C GLU B 458 9.51 26.05 -30.92
N TYR B 459 10.22 25.61 -29.87
CA TYR B 459 9.70 25.72 -28.52
C TYR B 459 9.30 27.14 -28.17
N GLU B 460 10.08 28.13 -28.62
CA GLU B 460 9.80 29.52 -28.28
C GLU B 460 8.53 30.05 -28.93
N ARG B 461 7.98 29.36 -29.92
CA ARG B 461 6.72 29.81 -30.51
C ARG B 461 5.55 29.56 -29.56
N TYR B 462 5.66 28.57 -28.69
CA TYR B 462 4.57 28.18 -27.79
C TYR B 462 4.85 28.50 -26.33
N ARG B 463 6.10 28.81 -25.97
CA ARG B 463 6.43 29.13 -24.58
C ARG B 463 5.70 30.39 -24.13
N ARG B 464 5.07 30.31 -22.97
CA ARG B 464 4.46 31.49 -22.35
C ARG B 464 5.53 32.41 -21.79
N ASP B 465 5.25 33.71 -21.82
CA ASP B 465 6.20 34.69 -21.31
C ASP B 465 6.37 34.53 -19.80
N GLY B 466 7.61 34.53 -19.34
CA GLY B 466 7.91 34.32 -17.94
C GLY B 466 7.92 32.87 -17.49
N GLU B 467 7.71 31.92 -18.40
CA GLU B 467 7.78 30.50 -18.07
C GLU B 467 9.02 29.88 -18.69
N GLY B 468 9.35 28.69 -18.20
CA GLY B 468 10.62 28.04 -18.48
C GLY B 468 10.51 26.98 -19.56
N TYR B 469 11.43 26.01 -19.50
CA TYR B 469 11.66 25.08 -20.60
C TYR B 469 11.47 23.63 -20.18
N GLY B 470 10.74 23.38 -19.10
CA GLY B 470 10.33 22.04 -18.74
C GLY B 470 11.25 21.37 -17.75
N TYR B 471 10.82 20.21 -17.28
CA TYR B 471 11.50 19.46 -16.24
C TYR B 471 12.23 18.23 -16.75
N LEU B 472 11.99 17.81 -17.98
CA LEU B 472 12.60 16.61 -18.53
C LEU B 472 13.80 16.97 -19.39
N LEU B 473 14.85 16.15 -19.28
CA LEU B 473 16.02 16.25 -20.13
C LEU B 473 16.59 14.86 -20.29
N SER B 474 17.52 14.72 -21.24
CA SER B 474 18.28 13.48 -21.37
C SER B 474 19.72 13.81 -21.71
N ILE B 475 20.61 12.89 -21.34
CA ILE B 475 22.05 13.08 -21.47
C ILE B 475 22.59 12.07 -22.47
N VAL B 476 23.28 12.55 -23.49
CA VAL B 476 23.98 11.68 -24.43
C VAL B 476 25.46 11.80 -24.11
N PHE B 477 26.01 10.77 -23.48
CA PHE B 477 27.41 10.79 -23.08
C PHE B 477 28.31 10.46 -24.26
N ARG B 478 29.60 10.78 -24.10
CA ARG B 478 30.57 10.49 -25.15
C ARG B 478 30.83 8.99 -25.25
N GLU B 479 30.92 8.30 -24.12
CA GLU B 479 31.24 6.88 -24.09
C GLU B 479 30.12 6.10 -23.41
N PRO B 480 29.54 5.09 -24.06
CA PRO B 480 28.52 4.27 -23.39
C PRO B 480 29.01 3.64 -22.09
N ASP B 481 30.29 3.25 -22.02
CA ASP B 481 30.83 2.75 -20.76
C ASP B 481 30.67 3.77 -19.65
N PHE B 482 31.00 5.04 -19.94
CA PHE B 482 30.88 6.10 -18.95
C PHE B 482 29.42 6.31 -18.55
N ALA B 483 28.50 6.18 -19.51
CA ALA B 483 27.08 6.39 -19.22
C ALA B 483 26.59 5.42 -18.16
N VAL B 484 27.00 4.15 -18.25
CA VAL B 484 26.53 3.14 -17.30
C VAL B 484 27.17 3.35 -15.94
N ARG B 485 28.46 3.68 -15.90
CA ARG B 485 29.10 3.97 -14.62
C ARG B 485 28.53 5.22 -13.97
N PHE B 486 28.11 6.20 -14.79
CA PHE B 486 27.50 7.40 -14.23
C PHE B 486 26.14 7.10 -13.64
N PHE B 487 25.33 6.30 -14.35
CA PHE B 487 23.99 5.99 -13.85
C PHE B 487 24.06 5.18 -12.56
N ASP B 488 24.96 4.21 -12.49
CA ASP B 488 25.07 3.38 -11.29
C ASP B 488 25.54 4.19 -10.08
N ALA B 489 26.37 5.22 -10.30
CA ALA B 489 26.87 6.05 -9.21
C ALA B 489 25.90 7.15 -8.79
N LEU B 490 24.84 7.38 -9.56
CA LEU B 490 23.93 8.49 -9.32
C LEU B 490 22.96 8.15 -8.19
N ASP B 491 23.13 8.80 -7.03
CA ASP B 491 22.29 8.53 -5.87
C ASP B 491 21.02 9.38 -5.94
N ILE B 492 20.15 9.04 -6.89
CA ILE B 492 18.80 9.58 -6.98
C ILE B 492 17.86 8.43 -7.31
N TRP B 493 16.56 8.71 -7.22
CA TRP B 493 15.56 7.69 -7.55
C TRP B 493 15.76 7.19 -8.98
N LYS B 494 15.55 5.90 -9.17
CA LYS B 494 15.66 5.28 -10.48
C LYS B 494 14.38 4.53 -10.80
N GLY B 495 13.83 4.75 -11.99
CA GLY B 495 12.58 4.16 -12.38
C GLY B 495 12.01 4.79 -13.64
N PRO B 496 10.88 4.27 -14.12
CA PRO B 496 10.33 4.73 -15.39
C PRO B 496 9.43 5.96 -15.32
N SER B 497 9.06 6.42 -14.13
CA SER B 497 8.10 7.51 -14.05
C SER B 497 8.80 8.87 -14.19
N ILE B 498 8.00 9.88 -14.56
CA ILE B 498 8.49 11.24 -14.75
C ILE B 498 7.49 12.19 -14.11
N GLY B 499 7.91 13.44 -13.95
CA GLY B 499 7.05 14.42 -13.31
C GLY B 499 6.88 14.19 -11.84
N THR B 500 7.93 13.81 -11.15
CA THR B 500 7.84 13.58 -9.74
C THR B 500 8.50 14.69 -8.95
N ASN B 501 8.19 14.79 -7.69
CA ASN B 501 8.74 15.81 -6.82
C ASN B 501 10.19 15.51 -6.52
N SER B 502 10.54 14.25 -6.65
CA SER B 502 11.93 13.84 -6.50
C SER B 502 12.53 13.54 -7.87
N SER B 503 13.81 13.84 -8.02
CA SER B 503 14.49 13.59 -9.29
C SER B 503 14.63 12.09 -9.52
N ILE B 504 14.60 11.71 -10.80
CA ILE B 504 14.57 10.30 -11.16
C ILE B 504 15.27 10.13 -12.51
N ALA B 505 16.04 9.05 -12.62
CA ALA B 505 16.83 8.76 -13.80
C ALA B 505 16.49 7.39 -14.36
N LEU B 506 16.80 7.21 -15.65
CA LEU B 506 16.57 5.94 -16.34
C LEU B 506 17.48 5.90 -17.56
N PRO B 507 17.97 4.72 -17.92
CA PRO B 507 18.64 4.55 -19.22
C PRO B 507 17.64 4.13 -20.29
N TYR B 508 18.11 4.13 -21.54
CA TYR B 508 17.27 3.75 -22.68
C TYR B 508 16.92 2.27 -22.64
N SER B 509 17.84 1.46 -22.10
CA SER B 509 17.68 0.02 -21.91
C SER B 509 16.30 -0.34 -21.42
N VAL B 510 16.01 0.09 -20.20
CA VAL B 510 14.75 -0.14 -19.51
C VAL B 510 13.56 0.53 -20.20
N LEU B 511 13.82 1.51 -21.06
CA LEU B 511 12.74 2.14 -21.79
C LEU B 511 12.41 1.32 -23.04
N ALA B 512 12.63 0.00 -22.96
CA ALA B 512 12.30 -0.95 -24.03
C ALA B 512 12.70 -0.46 -25.42
N PRO B 526 20.82 7.39 -29.72
CA PRO B 526 21.77 6.47 -29.08
C PRO B 526 21.13 5.73 -27.93
N LYS B 527 21.49 4.45 -27.78
CA LYS B 527 20.86 3.58 -26.79
C LYS B 527 21.62 3.52 -25.48
N HIS B 528 22.60 4.41 -25.28
CA HIS B 528 23.22 4.60 -23.98
C HIS B 528 22.78 5.91 -23.34
N ILE B 529 21.69 6.50 -23.86
CA ILE B 529 21.20 7.77 -23.38
C ILE B 529 20.62 7.59 -21.98
N VAL B 530 20.76 8.61 -21.15
CA VAL B 530 20.23 8.61 -19.79
C VAL B 530 19.23 9.77 -19.68
N ARG B 531 18.02 9.45 -19.24
CA ARG B 531 16.97 10.45 -19.12
C ARG B 531 16.82 10.86 -17.67
N LEU B 532 16.60 12.16 -17.45
CA LEU B 532 16.52 12.73 -16.10
C LEU B 532 15.26 13.58 -16.03
N SER B 533 14.41 13.29 -15.05
CA SER B 533 13.24 14.10 -14.75
C SER B 533 13.51 14.84 -13.44
N VAL B 534 13.68 16.15 -13.53
CA VAL B 534 14.16 16.95 -12.41
C VAL B 534 12.99 17.29 -11.48
N GLY B 535 13.16 17.00 -10.20
CA GLY B 535 12.16 17.30 -9.19
C GLY B 535 12.37 18.64 -8.53
N LEU B 536 11.93 18.73 -7.27
CA LEU B 536 11.90 19.98 -6.53
C LEU B 536 13.16 20.22 -5.70
N GLU B 537 14.10 19.30 -5.71
CA GLU B 537 15.34 19.48 -4.97
C GLU B 537 16.09 20.72 -5.46
N SER B 538 16.87 21.31 -4.58
CA SER B 538 17.60 22.53 -4.93
C SER B 538 18.64 22.22 -6.01
N GLU B 539 19.03 23.28 -6.73
CA GLU B 539 20.08 23.11 -7.73
C GLU B 539 21.37 22.62 -7.09
N ALA B 540 21.72 23.15 -5.92
CA ALA B 540 22.92 22.71 -5.22
C ALA B 540 22.85 21.21 -4.92
N TRP B 541 21.69 20.73 -4.45
CA TRP B 541 21.52 19.32 -4.17
C TRP B 541 21.72 18.48 -5.42
N LEU B 542 21.06 18.86 -6.51
CA LEU B 542 21.14 18.05 -7.73
C LEU B 542 22.51 18.18 -8.37
N ARG B 543 23.07 19.39 -8.39
CA ARG B 543 24.45 19.59 -8.85
C ARG B 543 25.41 18.69 -8.10
N ASP B 544 25.18 18.50 -6.80
CA ASP B 544 26.08 17.69 -5.98
C ASP B 544 25.93 16.20 -6.31
N ARG B 545 24.69 15.71 -6.40
CA ARG B 545 24.46 14.31 -6.74
C ARG B 545 25.09 13.96 -8.09
N VAL B 546 25.02 14.89 -9.05
CA VAL B 546 25.55 14.62 -10.38
C VAL B 546 27.07 14.71 -10.39
N THR B 547 27.63 15.69 -9.68
CA THR B 547 29.09 15.82 -9.63
C THR B 547 29.73 14.58 -9.02
N GLU B 548 29.20 14.11 -7.89
CA GLU B 548 29.74 12.90 -7.28
C GLU B 548 29.63 11.70 -8.21
N ALA B 549 28.49 11.58 -8.89
CA ALA B 549 28.32 10.50 -9.86
C ALA B 549 29.30 10.64 -11.03
N LEU B 550 29.48 11.87 -11.51
CA LEU B 550 30.44 12.11 -12.58
C LEU B 550 31.85 11.72 -12.15
N ALA B 551 32.24 12.07 -10.93
CA ALA B 551 33.58 11.74 -10.44
C ALA B 551 33.81 10.23 -10.38
N LYS B 552 32.87 9.50 -9.77
CA LYS B 552 33.04 8.05 -9.64
C LYS B 552 33.06 7.34 -11.00
N ALA B 553 32.47 7.95 -12.03
CA ALA B 553 32.44 7.30 -13.33
C ALA B 553 33.75 7.45 -14.10
N THR B 554 34.62 8.37 -13.69
CA THR B 554 35.91 8.54 -14.34
C THR B 554 36.98 7.72 -13.63
N PRO B 555 37.86 7.04 -14.38
CA PRO B 555 38.94 6.28 -13.77
C PRO B 555 39.97 7.18 -13.11
#